data_4R5T
#
_entry.id   4R5T
#
_cell.length_a   75.193
_cell.length_b   109.587
_cell.length_c   118.490
_cell.angle_alpha   90.000
_cell.angle_beta   90.000
_cell.angle_gamma   90.000
#
_symmetry.space_group_name_H-M   'P 21 21 21'
#
loop_
_entity.id
_entity.type
_entity.pdbx_description
1 polymer 'M1 family aminopeptidase'
2 non-polymer 'ZINC ION'
3 non-polymer 'DIMETHYL SULFOXIDE'
4 non-polymer GLYCEROL
5 non-polymer 'tert-butyl {(1S)-2-(hydroxyamino)-2-oxo-1-[4-(1H-pyrazol-1-yl)phenyl]ethyl}carbamate'
6 water water
#
_entity_poly.entity_id   1
_entity_poly.type   'polypeptide(L)'
_entity_poly.pdbx_seq_one_letter_code
;HHHHHHHPKIHYRKDYKPSGFIINQVTLNINIHDQETIVRSVLDMDISKHNVGEDLVFDGVGLKINEISINNKKLVEGEE
YTYDNEFLTIFSKFVPKSKFAFSSEVIIHPETNYALTGLYKSKNIIVSQCEATGFRRITFFIDRPDMMAKYDVTVTADKE
KYPVLLSNGDKVNEFEIPGGRHGARFNDPPLKPCYLFAVVAGDLKHLSATYITKYTKKKVELYVFSEEKYVSKLQWALEC
LKKSMAFDEDYFGLEYDLSRLNLVAVSDFNVGAMENKGLNIFNANSLLASKKNSIDFSYARILTVVGHEYFHQYTGNRVT
LRDWFQLTLKEGLTVHRENLFSEEMTKTVTTRLSHVDLLRSVQFLEDSSPLSHPIRPESYVSMENFYTTTVYDKGSEVMR
MYLTILGEEYYKKGFDIYIKKNDGNTATCEDFNYAMEQAYKMKKADNSANLNQYLLWFSQSGTPHVSFKYNYDAEKKQYS
IHVNQYTKPDENQKEKKPLFIPISVGLINPENGKEMISQTTLELTKESDTFVFNNIAVKPIPSLFRGFSAPVYIEDQLTD
EERILLLKYDSDAFVRYNSCTNIYMKQILMNYNEFLKAKNEKLESFQLTPVNAQFIDAIKYLLEDPHADAGFKSYIVSLP
QDRYIINFVSNLDTDVLADTKEYIYKQIGDKLNDVYYKMFKSLEAKADDLTYFNDESHVDFDQMNMRTLRNTLLSLLSKA
QYPNILNEIIEHSKSPYPSNWLTSLSVSAYFDKYFELYDKTYKLSKDDELLLQEWLKTVSRSDRKDIYEILKKLENEVLK
DSKNPNDIRAVYLPFTNNLRRFHDISGKGYKLIAEVITKTDKFNPMVATQLCEPFKLWNKLDTKRQELMLNEMNTMLQEP
QISNNLKEYLLRLTNK
;
_entity_poly.pdbx_strand_id   A
#
loop_
_chem_comp.id
_chem_comp.type
_chem_comp.name
_chem_comp.formula
DMS non-polymer 'DIMETHYL SULFOXIDE' 'C2 H6 O S'
GOL non-polymer GLYCEROL 'C3 H8 O3'
R5T non-polymer 'tert-butyl {(1S)-2-(hydroxyamino)-2-oxo-1-[4-(1H-pyrazol-1-yl)phenyl]ethyl}carbamate' 'C16 H20 N4 O4'
ZN non-polymer 'ZINC ION' 'Zn 2'
#
# COMPACT_ATOMS: atom_id res chain seq x y z
N PRO A 8 -10.38 -27.87 2.18
CA PRO A 8 -9.73 -26.55 2.20
C PRO A 8 -8.36 -26.59 1.51
N LYS A 9 -8.35 -26.71 0.19
CA LYS A 9 -7.14 -27.01 -0.56
C LYS A 9 -6.05 -25.94 -0.42
N ILE A 10 -4.81 -26.41 -0.27
CA ILE A 10 -3.66 -25.53 -0.22
C ILE A 10 -2.86 -25.65 -1.52
N HIS A 11 -2.61 -24.50 -2.15
CA HIS A 11 -1.84 -24.50 -3.40
C HIS A 11 -0.36 -24.32 -3.08
N TYR A 12 0.48 -25.15 -3.70
CA TYR A 12 1.92 -25.14 -3.41
C TYR A 12 2.73 -24.72 -4.62
N ARG A 13 3.70 -23.84 -4.39
CA ARG A 13 4.53 -23.31 -5.48
C ARG A 13 5.34 -24.39 -6.20
N LYS A 14 5.75 -25.42 -5.49
CA LYS A 14 6.57 -26.47 -6.11
C LYS A 14 5.75 -27.31 -7.09
N ASP A 15 4.42 -27.25 -6.98
CA ASP A 15 3.53 -28.11 -7.76
C ASP A 15 3.01 -27.45 -9.03
N TYR A 16 3.65 -26.39 -9.49
CA TYR A 16 3.19 -25.72 -10.70
C TYR A 16 3.28 -26.66 -11.89
N LYS A 17 2.19 -26.74 -12.64
CA LYS A 17 2.15 -27.52 -13.87
C LYS A 17 1.23 -26.81 -14.87
N PRO A 18 1.70 -26.69 -16.12
CA PRO A 18 0.90 -26.08 -17.20
C PRO A 18 -0.47 -26.75 -17.37
N SER A 19 -1.45 -25.98 -17.80
CA SER A 19 -2.79 -26.51 -18.06
C SER A 19 -2.78 -27.50 -19.22
N GLY A 20 -3.64 -28.51 -19.13
CA GLY A 20 -3.84 -29.46 -20.20
C GLY A 20 -4.86 -28.97 -21.22
N PHE A 21 -5.14 -27.67 -21.18
CA PHE A 21 -6.01 -27.07 -22.18
C PHE A 21 -5.48 -25.72 -22.64
N ILE A 22 -6.12 -25.17 -23.66
CA ILE A 22 -5.80 -23.85 -24.16
C ILE A 22 -7.08 -23.11 -24.51
N ILE A 23 -7.10 -21.81 -24.22
CA ILE A 23 -8.19 -20.95 -24.63
C ILE A 23 -7.64 -19.88 -25.58
N ASN A 24 -7.97 -20.00 -26.87
CA ASN A 24 -7.43 -19.08 -27.87
C ASN A 24 -8.26 -17.82 -28.03
N GLN A 25 -9.57 -17.97 -27.94
CA GLN A 25 -10.46 -16.85 -28.18
C GLN A 25 -11.64 -16.83 -27.22
N VAL A 26 -11.92 -15.65 -26.69
CA VAL A 26 -13.08 -15.44 -25.84
C VAL A 26 -14.05 -14.53 -26.59
N THR A 27 -15.29 -14.98 -26.73
CA THR A 27 -16.30 -14.13 -27.33
C THR A 27 -17.45 -13.91 -26.35
N LEU A 28 -17.57 -12.69 -25.85
CA LEU A 28 -18.47 -12.41 -24.73
C LEU A 28 -19.67 -11.55 -25.09
N ASN A 29 -20.81 -11.92 -24.55
CA ASN A 29 -22.03 -11.11 -24.62
C ASN A 29 -22.57 -10.86 -23.22
N ILE A 30 -22.44 -9.63 -22.74
CA ILE A 30 -22.86 -9.29 -21.39
C ILE A 30 -24.08 -8.35 -21.45
N ASN A 31 -25.25 -8.90 -21.11
CA ASN A 31 -26.49 -8.15 -21.23
C ASN A 31 -27.04 -7.75 -19.87
N ILE A 32 -26.92 -6.46 -19.56
CA ILE A 32 -27.28 -5.94 -18.25
C ILE A 32 -28.76 -5.55 -18.19
N HIS A 33 -29.46 -6.13 -17.22
CA HIS A 33 -30.88 -5.82 -17.01
C HIS A 33 -31.11 -5.32 -15.60
N ASP A 34 -32.33 -4.88 -15.33
CA ASP A 34 -32.67 -4.25 -14.06
C ASP A 34 -32.41 -5.19 -12.89
N GLN A 35 -32.85 -6.44 -13.03
CA GLN A 35 -32.77 -7.37 -11.90
C GLN A 35 -31.73 -8.48 -12.11
N GLU A 36 -31.06 -8.48 -13.26
CA GLU A 36 -30.11 -9.54 -13.55
C GLU A 36 -29.21 -9.22 -14.74
N THR A 37 -28.07 -9.89 -14.80
CA THR A 37 -27.18 -9.77 -15.94
C THR A 37 -26.95 -11.14 -16.56
N ILE A 38 -27.24 -11.25 -17.84
CA ILE A 38 -27.03 -12.47 -18.59
C ILE A 38 -25.69 -12.43 -19.29
N VAL A 39 -24.85 -13.43 -19.04
CA VAL A 39 -23.56 -13.51 -19.72
C VAL A 39 -23.54 -14.73 -20.62
N ARG A 40 -23.32 -14.50 -21.91
CA ARG A 40 -23.10 -15.60 -22.84
C ARG A 40 -21.63 -15.62 -23.26
N SER A 41 -21.03 -16.79 -23.24
CA SER A 41 -19.62 -16.89 -23.57
C SER A 41 -19.33 -18.06 -24.48
N VAL A 42 -18.57 -17.79 -25.53
CA VAL A 42 -18.05 -18.85 -26.38
C VAL A 42 -16.53 -18.85 -26.27
N LEU A 43 -15.97 -19.99 -25.86
CA LEU A 43 -14.52 -20.11 -25.73
C LEU A 43 -13.95 -21.03 -26.82
N ASP A 44 -13.17 -20.46 -27.72
CA ASP A 44 -12.51 -21.25 -28.76
C ASP A 44 -11.32 -21.96 -28.15
N MET A 45 -11.46 -23.24 -27.86
CA MET A 45 -10.44 -23.91 -27.08
C MET A 45 -9.64 -24.93 -27.86
N ASP A 46 -8.57 -25.42 -27.24
CA ASP A 46 -7.77 -26.49 -27.81
C ASP A 46 -7.19 -27.35 -26.71
N ILE A 47 -6.49 -28.41 -27.10
CA ILE A 47 -5.84 -29.34 -26.19
C ILE A 47 -4.35 -29.02 -26.19
N SER A 48 -3.74 -28.92 -25.00
CA SER A 48 -2.32 -28.57 -24.92
C SER A 48 -1.46 -29.82 -24.91
N LYS A 49 -0.16 -29.64 -25.09
CA LYS A 49 0.79 -30.76 -25.18
C LYS A 49 1.00 -31.41 -23.81
N HIS A 50 0.37 -30.84 -22.79
CA HIS A 50 0.48 -31.37 -21.43
C HIS A 50 -0.74 -32.20 -21.05
N ASN A 51 -1.74 -32.21 -21.93
CA ASN A 51 -2.97 -32.95 -21.67
C ASN A 51 -2.72 -34.44 -21.47
N VAL A 52 -3.53 -35.07 -20.63
CA VAL A 52 -3.38 -36.48 -20.30
C VAL A 52 -4.73 -37.15 -20.08
N GLY A 53 -5.73 -36.69 -20.82
CA GLY A 53 -7.06 -37.28 -20.78
C GLY A 53 -7.88 -36.90 -19.57
N GLU A 54 -7.49 -35.84 -18.87
CA GLU A 54 -8.19 -35.43 -17.66
C GLU A 54 -9.52 -34.75 -17.96
N ASP A 55 -10.34 -34.61 -16.93
CA ASP A 55 -11.58 -33.83 -17.04
C ASP A 55 -11.31 -32.38 -17.39
N LEU A 56 -12.25 -31.75 -18.09
CA LEU A 56 -12.20 -30.31 -18.33
C LEU A 56 -12.87 -29.59 -17.16
N VAL A 57 -12.05 -28.95 -16.32
CA VAL A 57 -12.57 -28.26 -15.14
C VAL A 57 -12.47 -26.75 -15.28
N PHE A 58 -13.62 -26.07 -15.27
CA PHE A 58 -13.64 -24.62 -15.30
C PHE A 58 -13.85 -24.06 -13.90
N ASP A 59 -13.26 -22.90 -13.64
CA ASP A 59 -13.62 -22.13 -12.46
C ASP A 59 -14.95 -21.44 -12.74
N GLY A 60 -15.82 -21.41 -11.74
CA GLY A 60 -17.13 -20.78 -11.90
C GLY A 60 -17.80 -20.62 -10.54
N VAL A 61 -17.73 -19.41 -9.97
CA VAL A 61 -18.25 -19.18 -8.62
C VAL A 61 -19.55 -18.37 -8.65
N GLY A 62 -20.61 -18.99 -8.14
CA GLY A 62 -21.87 -18.31 -7.92
C GLY A 62 -22.65 -18.07 -9.20
N LEU A 63 -22.37 -18.88 -10.22
CA LEU A 63 -23.00 -18.69 -11.51
C LEU A 63 -24.28 -19.51 -11.60
N LYS A 64 -25.33 -18.90 -12.13
CA LYS A 64 -26.57 -19.64 -12.36
C LYS A 64 -26.61 -20.06 -13.82
N ILE A 65 -26.57 -21.37 -14.07
CA ILE A 65 -26.54 -21.89 -15.43
C ILE A 65 -27.93 -21.96 -16.07
N ASN A 66 -28.04 -21.38 -17.25
CA ASN A 66 -29.21 -21.62 -18.10
C ASN A 66 -28.92 -22.82 -18.98
N GLU A 67 -27.71 -22.84 -19.55
CA GLU A 67 -27.26 -23.95 -20.38
C GLU A 67 -25.76 -23.88 -20.63
N ILE A 68 -25.15 -25.04 -20.85
CA ILE A 68 -23.78 -25.12 -21.33
C ILE A 68 -23.69 -26.09 -22.50
N SER A 69 -22.63 -25.98 -23.28
CA SER A 69 -22.49 -26.78 -24.50
C SER A 69 -21.04 -27.09 -24.86
N ILE A 70 -20.88 -28.00 -25.80
CA ILE A 70 -19.63 -28.22 -26.51
C ILE A 70 -19.97 -28.47 -27.98
N ASN A 71 -19.40 -27.64 -28.85
CA ASN A 71 -19.70 -27.70 -30.28
C ASN A 71 -21.19 -27.54 -30.55
N ASN A 72 -21.82 -26.62 -29.83
CA ASN A 72 -23.22 -26.26 -30.04
C ASN A 72 -24.22 -27.37 -29.72
N LYS A 73 -23.79 -28.34 -28.90
CA LYS A 73 -24.71 -29.36 -28.41
C LYS A 73 -24.80 -29.31 -26.88
N LYS A 74 -25.99 -28.99 -26.37
CA LYS A 74 -26.21 -28.82 -24.94
C LYS A 74 -25.78 -30.03 -24.13
N LEU A 75 -25.10 -29.77 -23.01
CA LEU A 75 -24.65 -30.83 -22.10
C LEU A 75 -25.70 -31.12 -21.03
N VAL A 76 -25.65 -32.34 -20.51
CA VAL A 76 -26.63 -32.78 -19.52
C VAL A 76 -25.98 -32.98 -18.16
N GLU A 77 -26.58 -32.40 -17.13
CA GLU A 77 -26.01 -32.47 -15.79
C GLU A 77 -26.15 -33.86 -15.18
N GLY A 78 -25.15 -34.26 -14.41
CA GLY A 78 -25.16 -35.56 -13.78
C GLY A 78 -24.49 -36.61 -14.64
N GLU A 79 -24.83 -36.61 -15.93
CA GLU A 79 -24.29 -37.59 -16.86
C GLU A 79 -23.00 -37.09 -17.52
N GLU A 80 -23.01 -35.83 -17.93
CA GLU A 80 -21.87 -35.27 -18.66
C GLU A 80 -21.07 -34.23 -17.87
N TYR A 81 -21.72 -33.54 -16.94
CA TYR A 81 -21.03 -32.51 -16.16
C TYR A 81 -21.64 -32.32 -14.77
N THR A 82 -20.79 -31.90 -13.82
CA THR A 82 -21.27 -31.51 -12.50
C THR A 82 -20.86 -30.06 -12.23
N TYR A 83 -21.65 -29.37 -11.42
CA TYR A 83 -21.34 -28.02 -10.98
C TYR A 83 -21.75 -27.85 -9.53
N ASP A 84 -20.82 -27.37 -8.71
CA ASP A 84 -21.02 -27.25 -7.27
C ASP A 84 -20.93 -25.80 -6.78
N ASN A 85 -21.09 -24.86 -7.71
CA ASN A 85 -21.01 -23.42 -7.44
C ASN A 85 -19.57 -22.93 -7.27
N GLU A 86 -18.60 -23.79 -7.56
CA GLU A 86 -17.20 -23.41 -7.50
C GLU A 86 -16.41 -23.94 -8.70
N PHE A 87 -16.60 -25.22 -9.01
CA PHE A 87 -15.95 -25.85 -10.15
C PHE A 87 -16.96 -26.53 -11.07
N LEU A 88 -16.83 -26.29 -12.37
CA LEU A 88 -17.62 -26.99 -13.37
C LEU A 88 -16.77 -28.11 -13.97
N THR A 89 -17.19 -29.35 -13.76
CA THR A 89 -16.41 -30.50 -14.19
C THR A 89 -17.09 -31.23 -15.34
N ILE A 90 -16.46 -31.17 -16.51
CA ILE A 90 -16.97 -31.86 -17.69
C ILE A 90 -16.09 -33.08 -17.96
N PHE A 91 -16.68 -34.27 -17.76
CA PHE A 91 -15.94 -35.54 -17.84
C PHE A 91 -15.28 -35.75 -19.19
N SER A 92 -14.05 -36.25 -19.15
CA SER A 92 -13.19 -36.25 -20.35
C SER A 92 -13.79 -37.01 -21.52
N LYS A 93 -14.54 -38.07 -21.25
CA LYS A 93 -15.17 -38.86 -22.31
C LYS A 93 -16.05 -37.98 -23.20
N PHE A 94 -16.56 -36.89 -22.63
CA PHE A 94 -17.37 -35.94 -23.40
C PHE A 94 -16.54 -34.73 -23.84
N VAL A 95 -15.24 -34.77 -23.58
CA VAL A 95 -14.35 -33.70 -23.99
C VAL A 95 -13.56 -34.08 -25.24
N PRO A 96 -13.64 -33.24 -26.29
CA PRO A 96 -12.93 -33.46 -27.57
C PRO A 96 -11.43 -33.57 -27.40
N LYS A 97 -10.75 -34.09 -28.42
CA LYS A 97 -9.30 -34.23 -28.38
C LYS A 97 -8.61 -33.32 -29.40
N SER A 98 -9.41 -32.53 -30.13
CA SER A 98 -8.89 -31.48 -30.99
C SER A 98 -9.65 -30.18 -30.72
N LYS A 99 -9.38 -29.15 -31.52
CA LYS A 99 -9.97 -27.83 -31.32
C LYS A 99 -11.50 -27.85 -31.22
N PHE A 100 -12.02 -27.30 -30.13
CA PHE A 100 -13.46 -27.33 -29.89
C PHE A 100 -13.99 -26.01 -29.32
N ALA A 101 -15.31 -25.84 -29.40
CA ALA A 101 -15.95 -24.66 -28.84
C ALA A 101 -16.72 -25.01 -27.59
N PHE A 102 -16.40 -24.33 -26.49
CA PHE A 102 -17.21 -24.41 -25.29
C PHE A 102 -18.05 -23.14 -25.20
N SER A 103 -19.32 -23.30 -24.83
CA SER A 103 -20.19 -22.13 -24.70
C SER A 103 -21.09 -22.25 -23.48
N SER A 104 -21.53 -21.11 -22.96
CA SER A 104 -22.44 -21.13 -21.83
C SER A 104 -23.26 -19.85 -21.73
N GLU A 105 -24.36 -19.95 -20.99
CA GLU A 105 -25.14 -18.78 -20.63
C GLU A 105 -25.38 -18.84 -19.13
N VAL A 106 -24.99 -17.78 -18.43
CA VAL A 106 -25.21 -17.74 -16.99
C VAL A 106 -25.86 -16.44 -16.59
N ILE A 107 -26.49 -16.46 -15.42
CA ILE A 107 -27.07 -15.25 -14.88
C ILE A 107 -26.30 -14.88 -13.61
N ILE A 108 -25.94 -13.61 -13.50
CA ILE A 108 -25.29 -13.11 -12.30
C ILE A 108 -26.03 -11.85 -11.86
N HIS A 109 -25.68 -11.33 -10.69
CA HIS A 109 -26.48 -10.26 -10.11
C HIS A 109 -25.62 -9.16 -9.49
N PRO A 110 -25.09 -8.27 -10.35
CA PRO A 110 -24.22 -7.17 -9.89
C PRO A 110 -24.89 -6.26 -8.85
N GLU A 111 -26.20 -6.08 -8.94
CA GLU A 111 -26.95 -5.23 -8.01
C GLU A 111 -26.69 -5.64 -6.56
N THR A 112 -26.61 -6.94 -6.34
CA THR A 112 -26.50 -7.45 -4.97
C THR A 112 -25.09 -7.97 -4.67
N ASN A 113 -24.14 -7.68 -5.56
CA ASN A 113 -22.76 -8.11 -5.35
C ASN A 113 -22.03 -7.08 -4.49
N TYR A 114 -22.11 -7.27 -3.18
CA TYR A 114 -21.52 -6.33 -2.22
C TYR A 114 -20.08 -6.69 -1.83
N ALA A 115 -19.58 -7.80 -2.35
CA ALA A 115 -18.19 -8.20 -2.11
C ALA A 115 -17.23 -7.40 -3.03
N LEU A 116 -17.79 -6.75 -4.03
CA LEU A 116 -17.03 -5.91 -4.95
C LEU A 116 -15.96 -6.69 -5.70
N THR A 117 -16.25 -7.94 -5.98
CA THR A 117 -15.37 -8.77 -6.79
C THR A 117 -16.21 -9.38 -7.93
N GLY A 118 -15.61 -9.52 -9.10
CA GLY A 118 -16.37 -9.98 -10.26
C GLY A 118 -17.10 -8.79 -10.85
N LEU A 119 -18.36 -8.97 -11.21
CA LEU A 119 -19.13 -7.87 -11.77
C LEU A 119 -20.06 -7.31 -10.72
N TYR A 120 -19.96 -6.01 -10.47
CA TYR A 120 -20.79 -5.45 -9.43
C TYR A 120 -21.20 -4.02 -9.71
N LYS A 121 -22.22 -3.59 -8.98
CA LYS A 121 -22.75 -2.24 -9.10
C LYS A 121 -22.19 -1.35 -8.00
N SER A 122 -21.57 -0.23 -8.39
CA SER A 122 -21.20 0.79 -7.42
C SER A 122 -21.99 2.06 -7.70
N LYS A 123 -22.91 2.38 -6.80
CA LYS A 123 -23.82 3.50 -6.99
C LYS A 123 -24.62 3.21 -8.26
N ASN A 124 -24.43 4.01 -9.30
CA ASN A 124 -25.11 3.74 -10.57
C ASN A 124 -24.14 3.33 -11.67
N ILE A 125 -23.01 2.76 -11.27
CA ILE A 125 -22.03 2.26 -12.22
C ILE A 125 -21.87 0.75 -12.08
N ILE A 126 -21.88 0.05 -13.21
CA ILE A 126 -21.58 -1.36 -13.25
C ILE A 126 -20.11 -1.48 -13.63
N VAL A 127 -19.39 -2.24 -12.83
CA VAL A 127 -17.96 -2.31 -13.02
C VAL A 127 -17.49 -3.69 -12.64
N SER A 128 -16.37 -4.11 -13.21
CA SER A 128 -15.78 -5.39 -12.88
C SER A 128 -14.50 -5.21 -12.09
N GLN A 129 -14.15 -6.23 -11.30
CA GLN A 129 -12.84 -6.32 -10.66
C GLN A 129 -12.44 -7.78 -10.70
N CYS A 130 -11.46 -8.11 -11.55
CA CYS A 130 -11.17 -9.52 -11.83
C CYS A 130 -9.89 -10.07 -11.20
N GLU A 131 -8.95 -9.19 -10.85
CA GLU A 131 -7.77 -9.68 -10.13
C GLU A 131 -8.10 -9.91 -8.66
N ALA A 132 -7.74 -11.08 -8.13
CA ALA A 132 -6.97 -12.06 -8.88
C ALA A 132 -7.85 -13.15 -9.49
N THR A 133 -8.94 -13.50 -8.80
CA THR A 133 -9.82 -14.57 -9.23
C THR A 133 -11.28 -14.11 -9.34
N GLY A 134 -11.49 -12.90 -9.85
CA GLY A 134 -12.84 -12.39 -10.02
C GLY A 134 -13.51 -12.75 -11.35
N PHE A 135 -12.73 -13.11 -12.37
CA PHE A 135 -13.35 -13.40 -13.67
C PHE A 135 -14.26 -14.64 -13.61
N ARG A 136 -13.91 -15.62 -12.78
CA ARG A 136 -14.74 -16.81 -12.60
C ARG A 136 -16.12 -16.47 -11.99
N ARG A 137 -16.25 -15.27 -11.44
CA ARG A 137 -17.54 -14.81 -10.89
C ARG A 137 -18.40 -14.20 -11.99
N ILE A 138 -17.80 -13.97 -13.16
CA ILE A 138 -18.52 -13.41 -14.30
C ILE A 138 -18.95 -14.50 -15.28
N THR A 139 -18.05 -15.45 -15.57
CA THR A 139 -18.35 -16.57 -16.44
C THR A 139 -17.35 -17.71 -16.23
N PHE A 140 -17.63 -18.89 -16.77
CA PHE A 140 -16.72 -20.03 -16.63
C PHE A 140 -15.37 -19.78 -17.31
N PHE A 141 -14.30 -20.24 -16.69
CA PHE A 141 -12.99 -20.03 -17.27
C PHE A 141 -11.92 -20.84 -16.54
N ILE A 142 -10.78 -21.01 -17.18
CA ILE A 142 -9.63 -21.56 -16.49
C ILE A 142 -8.89 -20.37 -15.91
N ASP A 143 -9.43 -19.90 -14.79
CA ASP A 143 -9.10 -18.62 -14.20
C ASP A 143 -7.72 -18.64 -13.56
N ARG A 144 -6.67 -18.64 -14.39
CA ARG A 144 -5.28 -18.56 -13.93
C ARG A 144 -4.47 -17.63 -14.85
N PRO A 145 -3.43 -17.00 -14.30
CA PRO A 145 -2.76 -15.90 -15.00
C PRO A 145 -1.89 -16.32 -16.19
N ASP A 146 -1.69 -17.62 -16.41
CA ASP A 146 -0.92 -18.06 -17.57
C ASP A 146 -1.81 -18.52 -18.73
N MET A 147 -3.12 -18.44 -18.56
CA MET A 147 -4.05 -18.69 -19.66
C MET A 147 -4.27 -17.42 -20.51
N MET A 148 -3.47 -17.26 -21.56
CA MET A 148 -3.56 -16.10 -22.45
C MET A 148 -4.57 -16.29 -23.57
N ALA A 149 -5.40 -15.29 -23.84
CA ALA A 149 -6.44 -15.41 -24.87
C ALA A 149 -6.79 -14.08 -25.55
N LYS A 150 -7.42 -14.16 -26.71
CA LYS A 150 -7.93 -13.00 -27.39
C LYS A 150 -9.38 -12.76 -26.93
N TYR A 151 -9.80 -11.50 -26.86
CA TYR A 151 -11.12 -11.17 -26.34
C TYR A 151 -11.94 -10.34 -27.30
N ASP A 152 -13.19 -10.74 -27.48
CA ASP A 152 -14.18 -10.00 -28.27
C ASP A 152 -15.43 -9.88 -27.41
N VAL A 153 -15.77 -8.65 -27.02
CA VAL A 153 -16.77 -8.47 -25.97
C VAL A 153 -17.87 -7.50 -26.35
N THR A 154 -19.11 -7.96 -26.27
CA THR A 154 -20.22 -7.07 -26.51
C THR A 154 -20.99 -6.81 -25.21
N VAL A 155 -21.27 -5.54 -24.96
CA VAL A 155 -22.07 -5.16 -23.80
C VAL A 155 -23.37 -4.49 -24.23
N THR A 156 -24.47 -4.87 -23.59
CA THR A 156 -25.75 -4.19 -23.83
C THR A 156 -26.42 -3.80 -22.51
N ALA A 157 -27.18 -2.71 -22.54
CA ALA A 157 -27.86 -2.20 -21.35
C ALA A 157 -28.87 -1.11 -21.71
N ASP A 158 -29.66 -0.69 -20.73
CA ASP A 158 -30.57 0.43 -20.89
C ASP A 158 -29.78 1.70 -21.17
N LYS A 159 -30.06 2.36 -22.29
CA LYS A 159 -29.23 3.49 -22.71
C LYS A 159 -29.36 4.68 -21.77
N GLU A 160 -30.54 4.89 -21.20
CA GLU A 160 -30.75 5.95 -20.22
C GLU A 160 -29.85 5.78 -18.98
N LYS A 161 -29.83 4.58 -18.42
CA LYS A 161 -29.03 4.30 -17.22
C LYS A 161 -27.54 4.10 -17.53
N TYR A 162 -27.23 3.46 -18.65
CA TYR A 162 -25.83 3.15 -18.99
C TYR A 162 -25.43 3.59 -20.40
N PRO A 163 -25.30 4.91 -20.60
CA PRO A 163 -24.96 5.47 -21.92
C PRO A 163 -23.52 5.20 -22.32
N VAL A 164 -22.63 5.16 -21.32
CA VAL A 164 -21.21 4.91 -21.57
C VAL A 164 -20.86 3.46 -21.29
N LEU A 165 -20.37 2.78 -22.33
CA LEU A 165 -20.00 1.38 -22.24
C LEU A 165 -18.53 1.29 -22.56
N LEU A 166 -17.76 0.63 -21.71
CA LEU A 166 -16.32 0.49 -21.92
C LEU A 166 -15.83 -0.92 -21.62
N SER A 167 -14.85 -1.36 -22.41
CA SER A 167 -14.15 -2.61 -22.17
C SER A 167 -12.78 -2.47 -22.82
N ASN A 168 -12.00 -3.53 -22.80
CA ASN A 168 -10.64 -3.45 -23.33
C ASN A 168 -10.67 -3.34 -24.85
N GLY A 169 -9.59 -2.82 -25.44
CA GLY A 169 -9.44 -2.82 -26.88
C GLY A 169 -10.16 -1.68 -27.58
N ASP A 170 -10.56 -1.93 -28.82
CA ASP A 170 -11.20 -0.89 -29.62
C ASP A 170 -12.69 -1.11 -29.68
N LYS A 171 -13.45 -0.04 -29.48
CA LYS A 171 -14.88 -0.07 -29.71
C LYS A 171 -15.11 -0.15 -31.23
N VAL A 172 -15.53 -1.32 -31.71
CA VAL A 172 -15.66 -1.52 -33.16
C VAL A 172 -17.08 -1.34 -33.68
N ASN A 173 -18.07 -1.43 -32.80
CA ASN A 173 -19.46 -1.27 -33.22
C ASN A 173 -20.35 -0.73 -32.09
N GLU A 174 -21.31 0.10 -32.47
CA GLU A 174 -22.33 0.62 -31.56
C GLU A 174 -23.69 0.45 -32.22
N PHE A 175 -24.64 -0.14 -31.51
CA PHE A 175 -25.92 -0.43 -32.13
C PHE A 175 -27.09 -0.27 -31.16
N GLU A 176 -28.20 0.21 -31.69
CA GLU A 176 -29.41 0.39 -30.91
C GLU A 176 -30.14 -0.94 -30.75
N ILE A 177 -30.88 -1.08 -29.66
CA ILE A 177 -31.65 -2.28 -29.42
C ILE A 177 -33.07 -1.89 -29.04
N PRO A 178 -34.05 -2.69 -29.50
CA PRO A 178 -35.45 -2.44 -29.15
C PRO A 178 -35.67 -2.39 -27.65
N GLY A 179 -36.44 -1.40 -27.19
CA GLY A 179 -36.78 -1.31 -25.78
C GLY A 179 -35.95 -0.29 -25.02
N GLY A 180 -35.40 0.69 -25.73
CA GLY A 180 -34.58 1.71 -25.12
C GLY A 180 -33.21 1.22 -24.66
N ARG A 181 -32.74 0.12 -25.26
CA ARG A 181 -31.42 -0.41 -24.95
C ARG A 181 -30.43 -0.11 -26.07
N HIS A 182 -29.14 -0.31 -25.79
CA HIS A 182 -28.12 -0.18 -26.82
C HIS A 182 -26.96 -1.12 -26.54
N GLY A 183 -26.03 -1.19 -27.49
CA GLY A 183 -24.92 -2.13 -27.38
C GLY A 183 -23.64 -1.56 -27.95
N ALA A 184 -22.52 -2.10 -27.49
CA ALA A 184 -21.20 -1.76 -28.01
C ALA A 184 -20.33 -3.00 -28.04
N ARG A 185 -19.54 -3.13 -29.10
CA ARG A 185 -18.63 -4.26 -29.26
C ARG A 185 -17.18 -3.79 -29.21
N PHE A 186 -16.38 -4.51 -28.43
CA PHE A 186 -14.97 -4.18 -28.25
C PHE A 186 -14.12 -5.36 -28.65
N ASN A 187 -13.25 -5.17 -29.63
CA ASN A 187 -12.32 -6.22 -30.00
C ASN A 187 -10.94 -5.85 -29.53
N ASP A 188 -10.30 -6.80 -28.86
CA ASP A 188 -8.98 -6.59 -28.26
C ASP A 188 -8.07 -7.73 -28.69
N PRO A 189 -7.44 -7.59 -29.88
CA PRO A 189 -6.68 -8.71 -30.46
C PRO A 189 -5.48 -9.24 -29.66
N PRO A 190 -4.68 -8.38 -29.01
CA PRO A 190 -3.50 -8.96 -28.36
C PRO A 190 -3.89 -9.90 -27.21
N LEU A 191 -3.13 -10.98 -27.04
CA LEU A 191 -3.40 -11.94 -25.98
C LEU A 191 -3.35 -11.26 -24.61
N LYS A 192 -4.15 -11.73 -23.67
CA LYS A 192 -4.06 -11.25 -22.29
C LYS A 192 -4.62 -12.27 -21.31
N PRO A 193 -4.21 -12.17 -20.03
CA PRO A 193 -4.80 -12.98 -18.96
C PRO A 193 -6.19 -12.47 -18.56
N CYS A 194 -7.04 -13.32 -18.00
CA CYS A 194 -8.41 -12.90 -17.76
C CYS A 194 -8.55 -11.88 -16.61
N TYR A 195 -7.53 -11.77 -15.76
CA TYR A 195 -7.59 -10.81 -14.65
C TYR A 195 -7.40 -9.37 -15.15
N LEU A 196 -7.00 -9.25 -16.42
CA LEU A 196 -6.86 -7.95 -17.06
C LEU A 196 -8.10 -7.62 -17.89
N PHE A 197 -9.13 -8.46 -17.82
CA PHE A 197 -10.40 -8.15 -18.45
C PHE A 197 -11.13 -7.13 -17.61
N ALA A 198 -11.80 -6.18 -18.27
CA ALA A 198 -12.62 -5.24 -17.54
C ALA A 198 -13.78 -4.75 -18.37
N VAL A 199 -14.85 -4.36 -17.70
CA VAL A 199 -16.00 -3.77 -18.38
C VAL A 199 -16.55 -2.71 -17.46
N VAL A 200 -16.98 -1.59 -18.03
CA VAL A 200 -17.57 -0.50 -17.28
C VAL A 200 -18.82 -0.02 -18.00
N ALA A 201 -19.86 0.25 -17.23
CA ALA A 201 -21.08 0.81 -17.79
C ALA A 201 -21.66 1.80 -16.80
N GLY A 202 -22.05 2.97 -17.29
CA GLY A 202 -22.67 3.96 -16.44
C GLY A 202 -22.90 5.30 -17.09
N ASP A 203 -23.53 6.20 -16.35
CA ASP A 203 -23.74 7.56 -16.82
C ASP A 203 -22.47 8.36 -16.52
N LEU A 204 -21.42 8.07 -17.25
CA LEU A 204 -20.10 8.63 -16.97
C LEU A 204 -19.87 9.97 -17.67
N LYS A 205 -19.27 10.91 -16.95
CA LYS A 205 -18.78 12.14 -17.56
C LYS A 205 -17.26 12.06 -17.57
N HIS A 206 -16.63 12.81 -18.47
CA HIS A 206 -15.17 12.68 -18.61
C HIS A 206 -14.47 14.01 -18.87
N LEU A 207 -13.19 14.04 -18.52
CA LEU A 207 -12.25 15.02 -19.05
C LEU A 207 -11.33 14.27 -20.01
N SER A 208 -10.76 14.96 -20.99
CA SER A 208 -9.89 14.27 -21.93
C SER A 208 -8.71 15.13 -22.34
N ALA A 209 -7.73 14.48 -22.96
CA ALA A 209 -6.57 15.17 -23.50
C ALA A 209 -5.86 14.25 -24.48
N THR A 210 -4.93 14.83 -25.23
CA THR A 210 -4.12 14.08 -26.17
C THR A 210 -2.67 14.19 -25.73
N TYR A 211 -1.99 13.04 -25.68
CA TYR A 211 -0.58 13.00 -25.34
C TYR A 211 0.19 12.49 -26.55
N ILE A 212 1.24 13.21 -26.92
CA ILE A 212 2.08 12.79 -28.03
C ILE A 212 3.35 12.18 -27.47
N THR A 213 3.61 10.93 -27.85
CA THR A 213 4.73 10.19 -27.27
C THR A 213 6.08 10.71 -27.76
N LYS A 214 7.10 10.49 -26.95
CA LYS A 214 8.43 11.06 -27.16
C LYS A 214 9.11 10.64 -28.46
N TYR A 215 9.02 9.36 -28.79
CA TYR A 215 9.83 8.81 -29.88
C TYR A 215 9.05 8.60 -31.18
N THR A 216 7.96 7.82 -31.12
CA THR A 216 7.20 7.50 -32.33
C THR A 216 6.20 8.60 -32.68
N LYS A 217 6.00 9.53 -31.77
CA LYS A 217 5.12 10.68 -31.99
C LYS A 217 3.66 10.29 -32.18
N LYS A 218 3.25 9.11 -31.69
CA LYS A 218 1.86 8.71 -31.80
C LYS A 218 0.99 9.54 -30.85
N LYS A 219 -0.22 9.85 -31.28
CA LYS A 219 -1.16 10.56 -30.43
C LYS A 219 -1.93 9.56 -29.57
N VAL A 220 -1.94 9.82 -28.27
CA VAL A 220 -2.67 8.97 -27.33
C VAL A 220 -3.80 9.77 -26.71
N GLU A 221 -5.02 9.27 -26.81
CA GLU A 221 -6.15 9.94 -26.19
C GLU A 221 -6.24 9.51 -24.73
N LEU A 222 -6.33 10.49 -23.84
CA LEU A 222 -6.45 10.22 -22.41
C LEU A 222 -7.84 10.60 -21.92
N TYR A 223 -8.59 9.63 -21.39
CA TYR A 223 -9.90 9.91 -20.80
C TYR A 223 -9.92 9.58 -19.31
N VAL A 224 -10.51 10.47 -18.51
CA VAL A 224 -10.72 10.20 -17.08
C VAL A 224 -12.22 10.36 -16.79
N PHE A 225 -12.85 9.33 -16.22
CA PHE A 225 -14.31 9.32 -16.02
C PHE A 225 -14.73 9.35 -14.55
N SER A 226 -15.85 10.00 -14.26
CA SER A 226 -16.51 9.86 -12.96
C SER A 226 -18.01 10.02 -13.16
N GLU A 227 -18.79 9.82 -12.09
CA GLU A 227 -20.19 10.21 -12.15
C GLU A 227 -20.23 11.73 -12.36
N GLU A 228 -21.30 12.21 -12.97
CA GLU A 228 -21.45 13.62 -13.30
C GLU A 228 -21.14 14.57 -12.13
N LYS A 229 -21.59 14.20 -10.93
CA LYS A 229 -21.46 15.04 -9.75
C LYS A 229 -20.01 15.44 -9.41
N TYR A 230 -19.05 14.56 -9.70
CA TYR A 230 -17.67 14.82 -9.30
C TYR A 230 -16.69 14.98 -10.46
N VAL A 231 -17.21 15.32 -11.63
CA VAL A 231 -16.39 15.41 -12.82
C VAL A 231 -15.35 16.53 -12.70
N SER A 232 -15.64 17.55 -11.91
CA SER A 232 -14.71 18.66 -11.75
C SER A 232 -13.52 18.31 -10.84
N LYS A 233 -13.55 17.11 -10.25
CA LYS A 233 -12.46 16.67 -9.37
C LYS A 233 -11.46 15.79 -10.10
N LEU A 234 -11.55 15.75 -11.43
CA LEU A 234 -10.76 14.81 -12.23
C LEU A 234 -9.48 15.38 -12.84
N GLN A 235 -9.26 16.70 -12.73
CA GLN A 235 -8.15 17.30 -13.47
C GLN A 235 -6.75 16.87 -12.98
N TRP A 236 -6.58 16.75 -11.67
CA TRP A 236 -5.25 16.38 -11.16
C TRP A 236 -4.87 14.98 -11.65
N ALA A 237 -5.84 14.08 -11.65
CA ALA A 237 -5.63 12.71 -12.15
C ALA A 237 -5.15 12.72 -13.61
N LEU A 238 -5.80 13.55 -14.42
CA LEU A 238 -5.38 13.73 -15.81
C LEU A 238 -3.93 14.18 -15.85
N GLU A 239 -3.60 15.21 -15.06
CA GLU A 239 -2.22 15.69 -15.00
C GLU A 239 -1.26 14.58 -14.56
N CYS A 240 -1.63 13.84 -13.52
CA CYS A 240 -0.77 12.76 -13.02
C CYS A 240 -0.50 11.74 -14.13
N LEU A 241 -1.50 11.50 -14.97
CA LEU A 241 -1.37 10.52 -16.03
C LEU A 241 -0.33 11.02 -17.04
N LYS A 242 -0.44 12.29 -17.44
CA LYS A 242 0.56 12.90 -18.32
C LYS A 242 1.95 12.77 -17.71
N LYS A 243 2.03 13.02 -16.40
CA LYS A 243 3.30 12.91 -15.69
C LYS A 243 3.86 11.48 -15.75
N SER A 244 2.97 10.50 -15.64
CA SER A 244 3.40 9.11 -15.58
C SER A 244 3.95 8.66 -16.93
N MET A 245 3.29 9.09 -18.00
CA MET A 245 3.70 8.69 -19.33
C MET A 245 5.07 9.26 -19.62
N ALA A 246 5.25 10.53 -19.26
CA ALA A 246 6.50 11.24 -19.52
C ALA A 246 7.65 10.61 -18.74
N PHE A 247 7.38 10.21 -17.50
CA PHE A 247 8.44 9.66 -16.66
C PHE A 247 8.92 8.30 -17.20
N ASP A 248 7.98 7.43 -17.57
CA ASP A 248 8.36 6.13 -18.10
C ASP A 248 9.16 6.32 -19.40
N GLU A 249 8.84 7.38 -20.13
CA GLU A 249 9.59 7.71 -21.32
C GLU A 249 11.02 8.16 -20.96
N ASP A 250 11.12 9.15 -20.10
CA ASP A 250 12.40 9.76 -19.78
C ASP A 250 13.33 8.82 -19.00
N TYR A 251 12.79 8.16 -17.98
CA TYR A 251 13.60 7.29 -17.15
C TYR A 251 13.86 5.93 -17.81
N PHE A 252 12.80 5.30 -18.31
CA PHE A 252 12.93 3.94 -18.81
C PHE A 252 12.93 3.81 -20.33
N GLY A 253 12.60 4.90 -21.03
CA GLY A 253 12.52 4.89 -22.49
C GLY A 253 11.31 4.17 -23.05
N LEU A 254 10.31 3.94 -22.21
CA LEU A 254 9.13 3.20 -22.61
C LEU A 254 7.96 4.11 -22.99
N GLU A 255 7.46 3.94 -24.20
CA GLU A 255 6.27 4.62 -24.66
C GLU A 255 5.03 3.79 -24.41
N TYR A 256 3.89 4.45 -24.22
CA TYR A 256 2.61 3.75 -24.13
C TYR A 256 2.33 3.00 -25.43
N ASP A 257 1.87 1.76 -25.33
CA ASP A 257 1.69 0.90 -26.51
C ASP A 257 0.41 1.17 -27.30
N LEU A 258 -0.59 1.75 -26.65
CA LEU A 258 -1.92 1.83 -27.25
C LEU A 258 -2.27 3.26 -27.68
N SER A 259 -3.46 3.43 -28.23
CA SER A 259 -3.87 4.73 -28.74
C SER A 259 -4.85 5.41 -27.80
N ARG A 260 -5.26 4.71 -26.76
CA ARG A 260 -6.18 5.30 -25.79
C ARG A 260 -5.98 4.76 -24.39
N LEU A 261 -6.13 5.64 -23.41
CA LEU A 261 -6.06 5.25 -22.01
C LEU A 261 -7.28 5.79 -21.28
N ASN A 262 -8.05 4.90 -20.66
CA ASN A 262 -9.20 5.27 -19.83
C ASN A 262 -8.92 5.04 -18.33
N LEU A 263 -9.18 6.06 -17.51
CA LEU A 263 -9.20 5.92 -16.06
C LEU A 263 -10.63 6.16 -15.60
N VAL A 264 -11.16 5.29 -14.75
CA VAL A 264 -12.54 5.41 -14.28
C VAL A 264 -12.63 5.36 -12.76
N ALA A 265 -13.30 6.34 -12.16
CA ALA A 265 -13.46 6.37 -10.72
C ALA A 265 -14.79 5.75 -10.28
N VAL A 266 -14.76 4.88 -9.29
CA VAL A 266 -15.99 4.39 -8.68
C VAL A 266 -15.94 4.55 -7.17
N SER A 267 -17.12 4.66 -6.55
CA SER A 267 -17.24 4.94 -5.12
C SER A 267 -16.94 3.71 -4.26
N ASP A 268 -17.30 2.54 -4.75
CA ASP A 268 -17.13 1.30 -4.02
C ASP A 268 -16.00 0.45 -4.62
N PHE A 269 -14.89 0.31 -3.89
CA PHE A 269 -13.73 -0.43 -4.38
C PHE A 269 -12.92 -0.95 -3.20
N ASN A 270 -12.51 -2.21 -3.25
CA ASN A 270 -11.81 -2.82 -2.12
C ASN A 270 -10.41 -2.27 -1.88
N VAL A 271 -9.72 -1.86 -2.94
CA VAL A 271 -8.36 -1.33 -2.78
C VAL A 271 -8.24 0.06 -3.43
N GLY A 272 -7.01 0.47 -3.74
CA GLY A 272 -6.80 1.78 -4.37
C GLY A 272 -7.22 1.85 -5.84
N ALA A 273 -6.78 0.88 -6.62
CA ALA A 273 -7.12 0.86 -8.04
C ALA A 273 -6.73 -0.46 -8.65
N MET A 274 -7.00 -0.61 -9.93
CA MET A 274 -6.70 -1.84 -10.64
C MET A 274 -6.38 -1.51 -12.09
N GLU A 275 -5.26 -2.02 -12.57
CA GLU A 275 -4.89 -1.84 -13.97
C GLU A 275 -5.58 -2.92 -14.79
N ASN A 276 -6.10 -2.55 -15.93
CA ASN A 276 -6.55 -3.52 -16.92
C ASN A 276 -6.04 -2.95 -18.23
N LYS A 277 -5.81 -3.78 -19.23
CA LYS A 277 -5.20 -3.32 -20.49
C LYS A 277 -5.96 -2.15 -21.13
N GLY A 278 -5.45 -0.94 -20.92
CA GLY A 278 -6.06 0.26 -21.49
C GLY A 278 -7.19 0.87 -20.68
N LEU A 279 -7.61 0.20 -19.62
CA LEU A 279 -8.79 0.60 -18.87
C LEU A 279 -8.54 0.46 -17.36
N ASN A 280 -8.13 1.55 -16.73
CA ASN A 280 -7.75 1.54 -15.31
C ASN A 280 -8.91 1.98 -14.41
N ILE A 281 -9.25 1.15 -13.44
CA ILE A 281 -10.41 1.40 -12.56
C ILE A 281 -9.94 1.75 -11.14
N PHE A 282 -10.47 2.84 -10.59
CA PHE A 282 -9.96 3.41 -9.34
C PHE A 282 -10.99 3.57 -8.21
N ASN A 283 -10.54 3.35 -6.98
CA ASN A 283 -11.24 3.91 -5.82
C ASN A 283 -11.33 5.43 -6.05
N ALA A 284 -12.54 5.97 -5.97
CA ALA A 284 -12.72 7.40 -6.10
C ALA A 284 -11.72 8.17 -5.22
N ASN A 285 -11.39 7.66 -4.04
CA ASN A 285 -10.52 8.42 -3.14
C ASN A 285 -9.06 8.44 -3.62
N SER A 286 -8.79 7.69 -4.69
CA SER A 286 -7.45 7.65 -5.25
C SER A 286 -7.40 8.16 -6.69
N LEU A 287 -8.48 8.84 -7.12
CA LEU A 287 -8.50 9.49 -8.43
C LEU A 287 -9.02 10.94 -8.36
N LEU A 288 -9.94 11.20 -7.43
CA LEU A 288 -10.63 12.48 -7.36
C LEU A 288 -10.09 13.44 -6.29
N ALA A 289 -9.96 14.72 -6.65
CA ALA A 289 -9.50 15.74 -5.73
C ALA A 289 -9.82 17.14 -6.22
N SER A 290 -10.12 18.04 -5.28
CA SER A 290 -10.16 19.47 -5.53
C SER A 290 -9.54 20.18 -4.33
N LYS A 291 -9.06 21.40 -4.55
CA LYS A 291 -8.44 22.16 -3.48
C LYS A 291 -9.44 22.41 -2.37
N LYS A 292 -10.70 22.56 -2.74
CA LYS A 292 -11.72 22.93 -1.77
C LYS A 292 -12.25 21.73 -1.00
N ASN A 293 -12.25 20.56 -1.63
CA ASN A 293 -12.91 19.40 -1.05
C ASN A 293 -12.01 18.18 -0.82
N SER A 294 -10.70 18.40 -0.78
CA SER A 294 -9.76 17.31 -0.46
C SER A 294 -8.68 17.80 0.49
N ILE A 295 -8.24 16.92 1.38
CA ILE A 295 -7.07 17.23 2.20
C ILE A 295 -5.82 17.05 1.33
N ASP A 296 -4.72 17.62 1.78
CA ASP A 296 -3.48 17.63 1.02
C ASP A 296 -3.01 16.24 0.60
N PHE A 297 -3.17 15.27 1.51
CA PHE A 297 -2.75 13.89 1.29
C PHE A 297 -3.30 13.28 -0.01
N SER A 298 -4.48 13.71 -0.43
CA SER A 298 -5.09 13.17 -1.64
C SER A 298 -4.23 13.36 -2.89
N TYR A 299 -3.48 14.46 -2.93
CA TYR A 299 -2.76 14.81 -4.13
C TYR A 299 -1.57 13.86 -4.33
N ALA A 300 -0.80 13.61 -3.29
CA ALA A 300 0.26 12.59 -3.38
C ALA A 300 -0.34 11.20 -3.61
N ARG A 301 -1.48 10.93 -2.99
CA ARG A 301 -2.11 9.61 -3.13
C ARG A 301 -2.55 9.32 -4.58
N ILE A 302 -3.14 10.32 -5.23
CA ILE A 302 -3.60 10.14 -6.61
C ILE A 302 -2.40 9.99 -7.54
N LEU A 303 -1.40 10.83 -7.34
CA LEU A 303 -0.17 10.74 -8.12
C LEU A 303 0.43 9.33 -8.04
N THR A 304 0.53 8.76 -6.84
CA THR A 304 1.18 7.45 -6.75
C THR A 304 0.29 6.37 -7.34
N VAL A 305 -1.02 6.45 -7.10
CA VAL A 305 -1.88 5.38 -7.59
C VAL A 305 -2.07 5.45 -9.12
N VAL A 306 -2.25 6.64 -9.67
CA VAL A 306 -2.32 6.76 -11.14
C VAL A 306 -0.99 6.32 -11.76
N GLY A 307 0.11 6.78 -11.20
CA GLY A 307 1.41 6.36 -11.66
C GLY A 307 1.57 4.85 -11.55
N HIS A 308 1.19 4.30 -10.40
CA HIS A 308 1.29 2.86 -10.19
C HIS A 308 0.57 2.06 -11.29
N GLU A 309 -0.71 2.32 -11.49
CA GLU A 309 -1.45 1.55 -12.50
C GLU A 309 -0.87 1.79 -13.90
N TYR A 310 -0.29 2.97 -14.13
CA TYR A 310 0.29 3.25 -15.44
C TYR A 310 1.53 2.41 -15.69
N PHE A 311 2.40 2.32 -14.68
CA PHE A 311 3.66 1.58 -14.84
C PHE A 311 3.44 0.07 -14.97
N HIS A 312 2.24 -0.38 -14.62
CA HIS A 312 1.84 -1.76 -14.89
C HIS A 312 1.77 -2.03 -16.38
N GLN A 313 1.45 -0.99 -17.14
CA GLN A 313 1.03 -1.15 -18.53
C GLN A 313 2.12 -1.78 -19.41
N TYR A 314 3.28 -1.12 -19.48
CA TYR A 314 4.33 -1.57 -20.38
C TYR A 314 4.81 -2.98 -20.04
N THR A 315 4.98 -3.28 -18.76
CA THR A 315 5.44 -4.60 -18.37
C THR A 315 4.29 -5.61 -18.40
N GLY A 316 3.07 -5.17 -18.09
CA GLY A 316 1.90 -6.04 -18.16
C GLY A 316 1.74 -6.63 -19.56
N ASN A 317 2.16 -5.86 -20.56
CA ASN A 317 2.39 -6.39 -21.89
C ASN A 317 3.79 -6.99 -21.91
N ARG A 318 4.00 -8.05 -22.69
N ARG A 318 3.97 -8.08 -22.66
CA ARG A 318 5.31 -8.69 -22.84
CA ARG A 318 5.28 -8.72 -22.86
C ARG A 318 5.59 -9.71 -21.73
C ARG A 318 5.69 -9.65 -21.72
N VAL A 319 5.21 -9.38 -20.50
CA VAL A 319 5.55 -10.24 -19.36
C VAL A 319 4.33 -10.85 -18.68
N THR A 320 4.24 -12.18 -18.71
CA THR A 320 3.14 -12.88 -18.06
C THR A 320 3.63 -13.69 -16.86
N LEU A 321 2.99 -13.47 -15.70
CA LEU A 321 3.31 -14.25 -14.50
C LEU A 321 3.01 -15.74 -14.73
N ARG A 322 3.95 -16.59 -14.35
CA ARG A 322 3.73 -18.02 -14.47
C ARG A 322 2.52 -18.41 -13.61
N ASP A 323 2.49 -17.88 -12.40
CA ASP A 323 1.47 -18.19 -11.41
C ASP A 323 1.51 -17.12 -10.31
N TRP A 324 0.51 -17.12 -9.44
CA TRP A 324 0.37 -16.04 -8.47
C TRP A 324 1.50 -15.98 -7.44
N PHE A 325 2.31 -17.03 -7.35
CA PHE A 325 3.45 -16.99 -6.43
C PHE A 325 4.47 -15.96 -6.90
N GLN A 326 4.39 -15.55 -8.16
CA GLN A 326 5.32 -14.56 -8.68
C GLN A 326 4.77 -13.14 -8.53
N LEU A 327 3.72 -12.97 -7.74
CA LEU A 327 3.04 -11.69 -7.59
C LEU A 327 4.00 -10.53 -7.25
N THR A 328 4.98 -10.79 -6.40
CA THR A 328 5.88 -9.72 -5.98
C THR A 328 6.71 -9.21 -7.15
N LEU A 329 6.92 -10.06 -8.16
CA LEU A 329 7.65 -9.64 -9.35
C LEU A 329 6.86 -8.57 -10.12
N LYS A 330 5.56 -8.78 -10.22
CA LYS A 330 4.64 -7.81 -10.82
C LYS A 330 4.49 -6.60 -9.90
N GLU A 331 4.08 -6.85 -8.65
CA GLU A 331 3.72 -5.77 -7.75
C GLU A 331 4.92 -5.05 -7.12
N GLY A 332 5.94 -5.79 -6.72
CA GLY A 332 7.14 -5.18 -6.13
C GLY A 332 7.85 -4.25 -7.11
N LEU A 333 7.98 -4.69 -8.36
CA LEU A 333 8.65 -3.89 -9.39
C LEU A 333 7.86 -2.62 -9.70
N THR A 334 6.53 -2.73 -9.71
CA THR A 334 5.70 -1.59 -10.01
C THR A 334 5.70 -0.58 -8.85
N VAL A 335 5.67 -1.07 -7.61
CA VAL A 335 5.75 -0.16 -6.46
C VAL A 335 7.08 0.59 -6.47
N HIS A 336 8.15 -0.12 -6.86
CA HIS A 336 9.46 0.50 -6.99
C HIS A 336 9.45 1.58 -8.05
N ARG A 337 8.86 1.28 -9.21
CA ARG A 337 8.76 2.28 -10.27
C ARG A 337 7.91 3.45 -9.82
N GLU A 338 6.79 3.15 -9.18
CA GLU A 338 5.91 4.17 -8.60
C GLU A 338 6.66 5.05 -7.60
N ASN A 339 7.46 4.43 -6.73
CA ASN A 339 8.23 5.20 -5.75
C ASN A 339 9.24 6.13 -6.43
N LEU A 340 9.90 5.66 -7.49
CA LEU A 340 10.87 6.47 -8.22
C LEU A 340 10.19 7.67 -8.84
N PHE A 341 9.04 7.40 -9.46
CA PHE A 341 8.19 8.42 -10.05
C PHE A 341 7.82 9.49 -9.01
N SER A 342 7.26 9.05 -7.89
CA SER A 342 6.85 9.97 -6.83
C SER A 342 8.00 10.82 -6.28
N GLU A 343 9.13 10.20 -5.99
CA GLU A 343 10.29 10.97 -5.53
C GLU A 343 10.67 12.03 -6.56
N GLU A 344 10.62 11.66 -7.83
CA GLU A 344 11.00 12.61 -8.88
C GLU A 344 9.98 13.72 -9.03
N MET A 345 8.70 13.38 -8.88
CA MET A 345 7.64 14.36 -9.10
C MET A 345 7.52 15.32 -7.92
N THR A 346 7.72 14.82 -6.69
CA THR A 346 7.52 15.64 -5.50
C THR A 346 8.76 16.47 -5.14
N LYS A 347 9.94 15.94 -5.46
CA LYS A 347 11.20 16.61 -5.14
C LYS A 347 11.32 16.99 -3.65
N THR A 348 10.75 16.18 -2.78
CA THR A 348 10.85 16.40 -1.34
C THR A 348 11.44 15.14 -0.68
N VAL A 349 12.30 15.31 0.32
CA VAL A 349 12.92 14.14 0.96
C VAL A 349 11.92 13.33 1.78
N THR A 350 10.83 13.95 2.20
CA THR A 350 9.83 13.25 2.98
C THR A 350 9.09 12.16 2.18
N THR A 351 9.24 12.15 0.86
CA THR A 351 8.60 11.12 0.08
C THR A 351 9.26 9.77 0.38
N ARG A 352 10.58 9.69 0.20
CA ARG A 352 11.31 8.48 0.57
C ARG A 352 11.14 8.15 2.05
N LEU A 353 11.20 9.16 2.92
CA LEU A 353 11.05 8.93 4.36
C LEU A 353 9.69 8.30 4.67
N SER A 354 8.65 8.74 3.98
CA SER A 354 7.32 8.25 4.30
C SER A 354 7.20 6.76 3.92
N HIS A 355 7.86 6.35 2.84
CA HIS A 355 7.87 4.93 2.47
C HIS A 355 8.63 4.08 3.50
N VAL A 356 9.75 4.60 3.99
CA VAL A 356 10.51 3.92 5.02
C VAL A 356 9.69 3.85 6.31
N ASP A 357 9.00 4.93 6.63
CA ASP A 357 8.17 5.00 7.83
C ASP A 357 7.10 3.91 7.79
N LEU A 358 6.52 3.74 6.61
CA LEU A 358 5.54 2.68 6.33
C LEU A 358 6.10 1.25 6.48
N LEU A 359 7.22 1.00 5.81
CA LEU A 359 7.84 -0.31 5.88
C LEU A 359 8.16 -0.70 7.33
N ARG A 360 8.83 0.19 8.05
CA ARG A 360 9.36 -0.16 9.36
C ARG A 360 8.29 -0.20 10.43
N SER A 361 7.12 0.34 10.16
CA SER A 361 6.04 0.20 11.13
C SER A 361 5.17 -1.00 10.75
N VAL A 362 4.45 -0.87 9.64
CA VAL A 362 3.50 -1.88 9.20
C VAL A 362 4.12 -3.19 8.72
N GLN A 363 5.08 -3.12 7.79
CA GLN A 363 5.61 -4.36 7.25
C GLN A 363 6.51 -5.08 8.25
N PHE A 364 7.29 -4.34 9.04
CA PHE A 364 8.12 -5.00 10.05
C PHE A 364 7.23 -5.73 11.06
N LEU A 365 6.11 -5.12 11.42
CA LEU A 365 5.19 -5.76 12.36
C LEU A 365 4.69 -7.08 11.76
N GLU A 366 4.29 -7.02 10.50
CA GLU A 366 3.85 -8.22 9.80
C GLU A 366 4.94 -9.28 9.78
N ASP A 367 6.18 -8.86 9.51
CA ASP A 367 7.26 -9.84 9.33
C ASP A 367 7.74 -10.52 10.65
N SER A 368 7.34 -9.98 11.80
CA SER A 368 7.65 -10.65 13.06
C SER A 368 6.38 -11.20 13.70
N SER A 369 5.24 -11.12 12.99
CA SER A 369 3.99 -11.70 13.48
C SER A 369 3.86 -13.15 13.00
N PRO A 370 2.87 -13.89 13.51
CA PRO A 370 2.59 -15.23 13.00
C PRO A 370 2.20 -15.26 11.51
N LEU A 371 1.91 -14.10 10.93
CA LEU A 371 1.56 -14.03 9.50
C LEU A 371 2.78 -13.91 8.61
N SER A 372 3.97 -13.84 9.22
CA SER A 372 5.20 -13.63 8.46
C SER A 372 5.34 -14.58 7.28
N HIS A 373 5.73 -14.03 6.14
CA HIS A 373 5.99 -14.80 4.95
C HIS A 373 7.07 -14.10 4.14
N PRO A 374 7.77 -14.85 3.27
CA PRO A 374 8.71 -14.23 2.34
C PRO A 374 7.95 -13.53 1.21
N ILE A 375 8.61 -12.71 0.40
CA ILE A 375 7.89 -11.96 -0.62
C ILE A 375 7.42 -12.89 -1.74
N ARG A 376 8.04 -14.05 -1.83
CA ARG A 376 7.49 -15.12 -2.65
C ARG A 376 7.16 -16.32 -1.77
N PRO A 377 5.89 -16.42 -1.33
CA PRO A 377 5.49 -17.50 -0.44
C PRO A 377 5.53 -18.86 -1.13
N GLU A 378 5.49 -19.92 -0.32
CA GLU A 378 5.57 -21.28 -0.82
C GLU A 378 4.19 -21.92 -0.95
N SER A 379 3.16 -21.26 -0.42
CA SER A 379 1.81 -21.80 -0.48
C SER A 379 0.77 -20.74 -0.18
N TYR A 380 -0.47 -21.01 -0.59
CA TYR A 380 -1.58 -20.14 -0.24
C TYR A 380 -2.88 -20.93 -0.26
N VAL A 381 -3.86 -20.42 0.48
CA VAL A 381 -5.20 -20.96 0.49
C VAL A 381 -6.10 -19.96 -0.22
N SER A 382 -5.93 -18.69 0.13
CA SER A 382 -6.76 -17.63 -0.41
C SER A 382 -5.91 -16.56 -1.09
N MET A 383 -6.06 -16.45 -2.41
CA MET A 383 -5.35 -15.44 -3.19
C MET A 383 -5.66 -14.03 -2.72
N GLU A 384 -6.86 -13.83 -2.17
CA GLU A 384 -7.28 -12.52 -1.71
C GLU A 384 -6.50 -12.07 -0.48
N ASN A 385 -5.77 -12.99 0.15
CA ASN A 385 -4.99 -12.66 1.33
C ASN A 385 -3.50 -12.56 0.98
N PHE A 386 -3.20 -12.76 -0.30
CA PHE A 386 -1.83 -12.76 -0.82
C PHE A 386 -1.25 -11.36 -1.04
N TYR A 387 -2.12 -10.35 -1.08
CA TYR A 387 -1.70 -9.01 -1.44
C TYR A 387 -1.35 -8.20 -0.19
N THR A 388 -0.13 -8.41 0.30
CA THR A 388 0.31 -7.92 1.60
C THR A 388 1.34 -6.81 1.49
N THR A 389 1.53 -6.06 2.58
CA THR A 389 2.61 -5.10 2.62
C THR A 389 3.96 -5.81 2.43
N THR A 390 4.06 -7.07 2.83
CA THR A 390 5.28 -7.80 2.58
C THR A 390 5.52 -7.99 1.07
N VAL A 391 4.50 -8.51 0.37
CA VAL A 391 4.61 -8.77 -1.06
C VAL A 391 4.85 -7.47 -1.82
N TYR A 392 4.16 -6.41 -1.40
CA TYR A 392 4.23 -5.12 -2.07
C TYR A 392 5.41 -4.24 -1.65
N ASP A 393 5.50 -3.95 -0.36
CA ASP A 393 6.46 -2.92 0.09
C ASP A 393 7.86 -3.47 0.37
N LYS A 394 7.94 -4.65 0.98
CA LYS A 394 9.24 -5.30 1.04
C LYS A 394 9.63 -5.73 -0.37
N GLY A 395 8.64 -6.14 -1.16
CA GLY A 395 8.89 -6.46 -2.55
C GLY A 395 9.58 -5.29 -3.24
N SER A 396 9.03 -4.10 -3.09
CA SER A 396 9.61 -2.91 -3.72
C SER A 396 11.02 -2.62 -3.22
N GLU A 397 11.27 -2.76 -1.90
CA GLU A 397 12.62 -2.52 -1.39
C GLU A 397 13.61 -3.53 -1.96
N VAL A 398 13.17 -4.77 -2.18
CA VAL A 398 14.05 -5.76 -2.79
C VAL A 398 14.31 -5.39 -4.28
N MET A 399 13.28 -4.90 -4.95
CA MET A 399 13.44 -4.37 -6.30
C MET A 399 14.34 -3.14 -6.32
N ARG A 400 14.17 -2.26 -5.32
CA ARG A 400 15.02 -1.07 -5.19
C ARG A 400 16.50 -1.40 -4.93
N MET A 401 16.78 -2.48 -4.19
CA MET A 401 18.16 -2.82 -3.90
C MET A 401 18.97 -3.10 -5.16
N TYR A 402 18.33 -3.63 -6.20
CA TYR A 402 19.04 -3.87 -7.47
C TYR A 402 19.63 -2.56 -8.00
N LEU A 403 18.82 -1.50 -7.97
CA LEU A 403 19.28 -0.17 -8.38
C LEU A 403 20.44 0.36 -7.50
N THR A 404 20.27 0.28 -6.19
CA THR A 404 21.35 0.65 -5.25
C THR A 404 22.65 -0.10 -5.58
N ILE A 405 22.56 -1.41 -5.78
CA ILE A 405 23.74 -2.21 -6.11
C ILE A 405 24.36 -1.87 -7.46
N LEU A 406 23.52 -1.65 -8.46
CA LEU A 406 24.01 -1.49 -9.83
C LEU A 406 24.27 -0.05 -10.24
N GLY A 407 23.58 0.90 -9.61
CA GLY A 407 23.57 2.27 -10.07
C GLY A 407 22.63 2.43 -11.28
N GLU A 408 22.27 3.68 -11.57
CA GLU A 408 21.28 3.97 -12.63
C GLU A 408 21.57 3.35 -13.99
N GLU A 409 22.80 3.51 -14.47
CA GLU A 409 23.15 3.07 -15.82
C GLU A 409 23.00 1.55 -15.98
N TYR A 410 23.60 0.80 -15.07
CA TYR A 410 23.55 -0.65 -15.18
C TYR A 410 22.20 -1.20 -14.77
N TYR A 411 21.50 -0.50 -13.87
CA TYR A 411 20.16 -0.91 -13.52
C TYR A 411 19.28 -0.85 -14.78
N LYS A 412 19.28 0.32 -15.43
CA LYS A 412 18.52 0.51 -16.66
C LYS A 412 18.90 -0.51 -17.72
N LYS A 413 20.15 -0.94 -17.74
CA LYS A 413 20.58 -1.99 -18.66
C LYS A 413 19.96 -3.33 -18.30
N GLY A 414 19.99 -3.67 -17.01
CA GLY A 414 19.37 -4.89 -16.53
C GLY A 414 17.86 -4.94 -16.76
N PHE A 415 17.20 -3.80 -16.57
CA PHE A 415 15.76 -3.75 -16.78
C PHE A 415 15.44 -4.02 -18.25
N ASP A 416 16.25 -3.45 -19.14
CA ASP A 416 16.08 -3.67 -20.58
C ASP A 416 16.23 -5.14 -20.94
N ILE A 417 17.26 -5.77 -20.40
CA ILE A 417 17.49 -7.19 -20.63
C ILE A 417 16.28 -8.02 -20.22
N TYR A 418 15.73 -7.72 -19.04
CA TYR A 418 14.58 -8.46 -18.52
C TYR A 418 13.37 -8.39 -19.46
N ILE A 419 13.06 -7.20 -19.93
CA ILE A 419 11.95 -6.99 -20.85
C ILE A 419 12.18 -7.72 -22.18
N LYS A 420 13.32 -7.45 -22.80
CA LYS A 420 13.65 -8.05 -24.09
C LYS A 420 13.68 -9.57 -24.00
N LYS A 421 14.48 -10.10 -23.08
CA LYS A 421 14.67 -11.54 -22.97
C LYS A 421 13.38 -12.30 -22.71
N ASN A 422 12.44 -11.65 -22.03
CA ASN A 422 11.17 -12.29 -21.72
C ASN A 422 10.00 -11.61 -22.43
N THR A 426 6.30 -17.09 -19.94
CA THR A 426 5.93 -16.70 -18.58
C THR A 426 7.17 -16.46 -17.73
N ALA A 427 7.10 -15.46 -16.85
CA ALA A 427 8.27 -15.04 -16.07
C ALA A 427 8.23 -15.46 -14.60
N THR A 428 9.42 -15.63 -14.02
CA THR A 428 9.57 -15.93 -12.60
C THR A 428 10.47 -14.87 -11.95
N CYS A 429 10.50 -14.83 -10.63
CA CYS A 429 11.41 -13.91 -9.95
C CYS A 429 12.85 -14.18 -10.37
N GLU A 430 13.16 -15.45 -10.64
CA GLU A 430 14.50 -15.85 -11.10
C GLU A 430 14.88 -15.20 -12.44
N ASP A 431 13.90 -15.00 -13.31
CA ASP A 431 14.16 -14.36 -14.60
C ASP A 431 14.60 -12.91 -14.40
N PHE A 432 13.96 -12.22 -13.46
CA PHE A 432 14.39 -10.86 -13.15
C PHE A 432 15.78 -10.87 -12.56
N ASN A 433 16.03 -11.79 -11.62
CA ASN A 433 17.33 -11.86 -10.97
C ASN A 433 18.42 -12.10 -12.01
N TYR A 434 18.15 -13.05 -12.90
CA TYR A 434 19.09 -13.41 -13.96
C TYR A 434 19.41 -12.18 -14.81
N ALA A 435 18.36 -11.47 -15.21
CA ALA A 435 18.52 -10.23 -15.95
C ALA A 435 19.43 -9.23 -15.22
N MET A 436 19.16 -8.99 -13.94
CA MET A 436 19.96 -8.05 -13.16
C MET A 436 21.37 -8.60 -12.95
N GLU A 437 21.47 -9.93 -12.85
CA GLU A 437 22.78 -10.56 -12.72
C GLU A 437 23.68 -10.25 -13.93
N GLN A 438 23.11 -10.30 -15.13
CA GLN A 438 23.85 -10.00 -16.34
C GLN A 438 24.41 -8.57 -16.27
N ALA A 439 23.61 -7.63 -15.79
CA ALA A 439 24.06 -6.27 -15.57
C ALA A 439 25.15 -6.22 -14.50
N TYR A 440 25.03 -7.10 -13.51
CA TYR A 440 25.98 -7.15 -12.41
C TYR A 440 27.34 -7.57 -12.95
N LYS A 441 27.36 -8.64 -13.74
CA LYS A 441 28.58 -9.09 -14.41
C LYS A 441 29.22 -7.95 -15.18
N MET A 442 28.44 -7.26 -15.99
CA MET A 442 28.95 -6.17 -16.81
C MET A 442 29.49 -5.03 -15.96
N LYS A 443 28.83 -4.76 -14.83
CA LYS A 443 29.28 -3.70 -13.92
C LYS A 443 30.66 -3.99 -13.33
N LYS A 444 30.82 -5.19 -12.77
CA LYS A 444 32.08 -5.56 -12.12
C LYS A 444 33.11 -6.13 -13.10
N ALA A 445 32.74 -6.17 -14.39
CA ALA A 445 33.64 -6.68 -15.43
C ALA A 445 34.20 -8.03 -15.03
N ASP A 446 33.33 -8.93 -14.63
CA ASP A 446 33.72 -10.23 -14.11
C ASP A 446 32.60 -11.22 -14.35
N ASN A 447 32.73 -12.00 -15.42
CA ASN A 447 31.70 -12.94 -15.82
C ASN A 447 31.50 -14.05 -14.78
N SER A 448 32.39 -14.11 -13.80
CA SER A 448 32.27 -15.09 -12.73
C SER A 448 31.34 -14.58 -11.62
N ALA A 449 31.15 -13.27 -11.58
CA ALA A 449 30.26 -12.65 -10.60
C ALA A 449 28.83 -13.13 -10.79
N ASN A 450 28.11 -13.30 -9.68
CA ASN A 450 26.74 -13.79 -9.74
C ASN A 450 25.86 -13.22 -8.65
N LEU A 451 24.54 -13.36 -8.82
CA LEU A 451 23.58 -12.86 -7.84
C LEU A 451 22.77 -14.01 -7.22
N ASN A 452 23.39 -15.18 -7.15
CA ASN A 452 22.68 -16.36 -6.64
C ASN A 452 22.20 -16.19 -5.19
N GLN A 453 23.06 -15.65 -4.34
CA GLN A 453 22.68 -15.39 -2.95
C GLN A 453 21.49 -14.43 -2.84
N TYR A 454 21.38 -13.51 -3.80
CA TYR A 454 20.33 -12.49 -3.77
C TYR A 454 18.94 -13.11 -3.74
N LEU A 455 18.81 -14.29 -4.35
CA LEU A 455 17.52 -14.98 -4.40
C LEU A 455 16.95 -15.23 -3.02
N LEU A 456 17.81 -15.27 -2.00
CA LEU A 456 17.33 -15.43 -0.61
C LEU A 456 16.36 -14.32 -0.20
N TRP A 457 16.48 -13.14 -0.82
CA TRP A 457 15.51 -12.08 -0.54
C TRP A 457 14.09 -12.47 -0.91
N PHE A 458 13.95 -13.38 -1.89
CA PHE A 458 12.62 -13.79 -2.33
C PHE A 458 12.07 -14.91 -1.47
N SER A 459 12.95 -15.74 -0.94
CA SER A 459 12.50 -16.97 -0.29
C SER A 459 12.55 -16.91 1.22
N GLN A 460 13.38 -16.02 1.76
CA GLN A 460 13.56 -15.96 3.21
C GLN A 460 12.68 -14.93 3.90
N SER A 461 11.91 -15.38 4.89
CA SER A 461 11.00 -14.47 5.61
C SER A 461 11.74 -13.82 6.78
N GLY A 462 11.14 -12.78 7.36
CA GLY A 462 11.71 -12.15 8.53
C GLY A 462 12.63 -10.98 8.18
N THR A 463 12.79 -10.07 9.13
CA THR A 463 13.61 -8.86 8.95
C THR A 463 15.04 -9.09 9.49
N PRO A 464 16.05 -8.95 8.63
CA PRO A 464 17.42 -9.08 9.16
C PRO A 464 17.79 -7.95 10.10
N HIS A 465 18.62 -8.26 11.09
CA HIS A 465 19.22 -7.29 12.01
C HIS A 465 20.66 -7.03 11.61
N VAL A 466 21.03 -5.79 11.41
CA VAL A 466 22.41 -5.49 11.05
C VAL A 466 22.99 -4.59 12.13
N SER A 467 24.11 -5.03 12.70
CA SER A 467 24.73 -4.28 13.79
C SER A 467 26.21 -3.98 13.49
N PHE A 468 26.75 -3.01 14.20
CA PHE A 468 28.03 -2.42 13.86
C PHE A 468 28.95 -2.28 15.07
N LYS A 469 30.24 -2.42 14.82
CA LYS A 469 31.26 -1.96 15.77
C LYS A 469 32.34 -1.22 14.98
N TYR A 470 33.07 -0.34 15.66
CA TYR A 470 34.02 0.53 14.97
C TYR A 470 35.37 0.54 15.64
N ASN A 471 36.39 0.86 14.86
CA ASN A 471 37.73 1.07 15.39
C ASN A 471 38.44 2.13 14.58
N TYR A 472 39.04 3.09 15.27
CA TYR A 472 39.89 4.09 14.63
C TYR A 472 41.29 4.08 15.22
N ASP A 473 42.28 3.93 14.34
CA ASP A 473 43.68 4.07 14.73
C ASP A 473 44.20 5.43 14.27
N ALA A 474 44.30 6.38 15.21
CA ALA A 474 44.69 7.75 14.88
C ALA A 474 46.06 7.81 14.20
N GLU A 475 47.02 7.04 14.70
CA GLU A 475 48.35 7.02 14.09
C GLU A 475 48.31 6.46 12.67
N LYS A 476 47.48 5.46 12.44
CA LYS A 476 47.46 4.83 11.11
C LYS A 476 46.52 5.53 10.12
N LYS A 477 45.70 6.45 10.60
CA LYS A 477 44.63 7.04 9.80
C LYS A 477 43.75 5.93 9.22
N GLN A 478 43.45 4.94 10.05
CA GLN A 478 42.79 3.73 9.59
C GLN A 478 41.50 3.47 10.34
N TYR A 479 40.39 3.43 9.60
CA TYR A 479 39.05 3.26 10.17
C TYR A 479 38.45 1.92 9.77
N SER A 480 37.84 1.23 10.72
CA SER A 480 37.23 -0.06 10.43
C SER A 480 35.76 -0.09 10.87
N ILE A 481 34.93 -0.65 10.01
CA ILE A 481 33.54 -0.87 10.32
C ILE A 481 33.30 -2.36 10.33
N HIS A 482 33.02 -2.92 11.50
CA HIS A 482 32.74 -4.35 11.57
CA HIS A 482 32.75 -4.33 11.64
C HIS A 482 31.24 -4.55 11.58
N VAL A 483 30.76 -5.37 10.62
CA VAL A 483 29.34 -5.54 10.43
C VAL A 483 28.87 -6.97 10.70
N ASN A 484 27.71 -7.09 11.33
CA ASN A 484 27.10 -8.37 11.60
C ASN A 484 25.66 -8.38 11.10
N GLN A 485 25.20 -9.50 10.54
CA GLN A 485 23.78 -9.64 10.22
C GLN A 485 23.24 -10.93 10.83
N TYR A 486 21.97 -10.91 11.23
CA TYR A 486 21.26 -12.16 11.53
C TYR A 486 19.75 -11.93 11.40
N THR A 487 19.06 -13.02 11.09
CA THR A 487 17.62 -13.03 11.01
C THR A 487 17.12 -14.06 12.00
N LYS A 488 16.16 -13.69 12.84
CA LYS A 488 15.63 -14.65 13.82
C LYS A 488 14.91 -15.78 13.11
N PRO A 489 15.15 -17.03 13.55
CA PRO A 489 14.35 -18.14 13.05
C PRO A 489 12.84 -17.91 13.26
N ASP A 490 12.03 -18.49 12.39
CA ASP A 490 10.57 -18.38 12.48
C ASP A 490 9.95 -19.64 11.87
N GLU A 491 8.67 -19.61 11.56
CA GLU A 491 8.00 -20.84 11.11
C GLU A 491 8.37 -21.23 9.67
N ASN A 492 8.93 -20.29 8.92
CA ASN A 492 9.27 -20.56 7.52
C ASN A 492 10.68 -21.11 7.32
N GLN A 493 11.63 -20.72 8.17
CA GLN A 493 12.96 -21.31 8.14
C GLN A 493 13.56 -21.47 9.54
N LYS A 494 13.95 -22.70 9.85
CA LYS A 494 14.62 -23.00 11.11
C LYS A 494 16.02 -22.39 11.14
N GLU A 495 16.71 -22.47 10.01
CA GLU A 495 18.02 -21.84 9.87
C GLU A 495 17.94 -20.75 8.81
N LYS A 496 18.31 -19.54 9.19
CA LYS A 496 18.30 -18.40 8.30
C LYS A 496 19.70 -18.23 7.70
N LYS A 497 19.79 -17.98 6.40
CA LYS A 497 21.10 -17.80 5.78
C LYS A 497 21.42 -16.32 5.67
N PRO A 498 22.72 -15.97 5.58
CA PRO A 498 23.08 -14.55 5.43
C PRO A 498 22.60 -14.02 4.08
N LEU A 499 22.08 -12.79 4.08
CA LEU A 499 21.62 -12.18 2.83
C LEU A 499 22.68 -11.29 2.19
N PHE A 500 22.51 -11.02 0.90
CA PHE A 500 23.31 -10.02 0.21
C PHE A 500 22.74 -8.64 0.58
N ILE A 501 23.46 -7.91 1.41
CA ILE A 501 22.97 -6.65 1.94
C ILE A 501 23.85 -5.50 1.50
N PRO A 502 23.31 -4.59 0.65
CA PRO A 502 24.07 -3.43 0.20
C PRO A 502 23.98 -2.32 1.24
N ILE A 503 25.10 -1.80 1.69
CA ILE A 503 25.08 -0.82 2.76
C ILE A 503 25.66 0.46 2.24
N SER A 504 24.79 1.40 1.92
CA SER A 504 25.26 2.67 1.41
C SER A 504 25.79 3.49 2.59
N VAL A 505 27.02 3.97 2.50
CA VAL A 505 27.64 4.63 3.64
C VAL A 505 28.40 5.90 3.27
N GLY A 506 28.51 6.79 4.23
CA GLY A 506 29.45 7.88 4.14
C GLY A 506 30.18 7.97 5.47
N LEU A 507 31.22 8.79 5.53
CA LEU A 507 31.93 9.04 6.76
C LEU A 507 31.99 10.54 6.93
N ILE A 508 31.42 11.02 8.03
CA ILE A 508 31.33 12.44 8.29
C ILE A 508 32.45 12.88 9.24
N ASN A 509 33.17 13.93 8.86
CA ASN A 509 34.14 14.57 9.75
C ASN A 509 33.39 15.31 10.85
N PRO A 510 33.55 14.88 12.10
CA PRO A 510 32.74 15.53 13.13
C PRO A 510 33.14 16.99 13.40
N GLU A 511 34.35 17.37 13.00
CA GLU A 511 34.82 18.75 13.18
C GLU A 511 34.09 19.76 12.28
N ASN A 512 33.83 19.39 11.02
CA ASN A 512 33.30 20.36 10.05
C ASN A 512 32.11 19.85 9.23
N GLY A 513 31.67 18.62 9.51
CA GLY A 513 30.49 18.08 8.85
C GLY A 513 30.72 17.63 7.42
N LYS A 514 31.97 17.57 6.98
CA LYS A 514 32.26 17.21 5.59
C LYS A 514 32.29 15.70 5.33
N GLU A 515 31.89 15.30 4.13
CA GLU A 515 32.08 13.94 3.65
C GLU A 515 33.56 13.62 3.62
N MET A 516 33.95 12.45 4.10
CA MET A 516 35.37 12.10 4.10
C MET A 516 35.71 11.09 3.01
N ILE A 517 34.71 10.42 2.46
CA ILE A 517 34.94 9.47 1.38
C ILE A 517 33.88 9.65 0.30
N SER A 518 34.19 9.22 -0.92
CA SER A 518 33.22 9.24 -2.01
C SER A 518 32.12 8.24 -1.75
N GLN A 519 31.08 8.29 -2.58
CA GLN A 519 29.95 7.37 -2.49
C GLN A 519 30.41 5.94 -2.46
N THR A 520 29.95 5.20 -1.47
CA THR A 520 30.41 3.85 -1.24
C THR A 520 29.24 2.98 -0.81
N THR A 521 29.11 1.82 -1.44
CA THR A 521 28.09 0.86 -1.06
C THR A 521 28.78 -0.42 -0.67
N LEU A 522 28.85 -0.68 0.63
CA LEU A 522 29.45 -1.93 1.11
C LEU A 522 28.56 -3.09 0.71
N GLU A 523 29.16 -4.16 0.19
CA GLU A 523 28.38 -5.34 -0.11
C GLU A 523 28.63 -6.37 0.96
N LEU A 524 27.68 -6.50 1.88
CA LEU A 524 27.78 -7.51 2.93
C LEU A 524 27.14 -8.81 2.45
N THR A 525 27.93 -9.88 2.41
CA THR A 525 27.43 -11.12 1.86
C THR A 525 27.65 -12.28 2.82
N LYS A 526 28.34 -12.01 3.92
CA LYS A 526 28.57 -13.02 4.94
C LYS A 526 27.83 -12.66 6.23
N GLU A 527 27.84 -13.58 7.19
CA GLU A 527 27.26 -13.31 8.49
C GLU A 527 27.93 -12.10 9.15
N SER A 528 29.21 -11.91 8.85
CA SER A 528 29.94 -10.76 9.36
C SER A 528 31.12 -10.44 8.46
N ASP A 529 31.56 -9.19 8.48
CA ASP A 529 32.70 -8.78 7.68
C ASP A 529 33.31 -7.52 8.30
N THR A 530 34.56 -7.23 7.96
CA THR A 530 35.19 -6.01 8.47
C THR A 530 35.60 -5.16 7.25
N PHE A 531 35.10 -3.93 7.19
CA PHE A 531 35.41 -3.02 6.10
C PHE A 531 36.40 -1.97 6.59
N VAL A 532 37.54 -1.88 5.91
CA VAL A 532 38.62 -1.01 6.39
C VAL A 532 38.84 0.12 5.40
N PHE A 533 39.07 1.32 5.94
CA PHE A 533 39.33 2.50 5.12
C PHE A 533 40.62 3.15 5.57
N ASN A 534 41.55 3.35 4.64
CA ASN A 534 42.80 4.05 4.95
C ASN A 534 42.70 5.54 4.63
N ASN A 535 43.67 6.32 5.11
CA ASN A 535 43.70 7.74 4.82
C ASN A 535 42.44 8.42 5.34
N ILE A 536 42.07 8.10 6.57
CA ILE A 536 40.96 8.75 7.23
C ILE A 536 41.58 9.65 8.29
N ALA A 537 41.61 10.96 8.00
CA ALA A 537 42.46 11.90 8.73
C ALA A 537 42.08 12.07 10.19
N VAL A 538 40.81 11.88 10.47
CA VAL A 538 40.33 12.08 11.83
C VAL A 538 39.25 11.03 12.08
N LYS A 539 38.93 10.79 13.35
CA LYS A 539 37.89 9.81 13.67
C LYS A 539 36.55 10.25 13.12
N PRO A 540 35.95 9.44 12.24
CA PRO A 540 34.69 9.87 11.62
C PRO A 540 33.47 9.43 12.42
N ILE A 541 32.32 10.00 12.05
CA ILE A 541 31.04 9.46 12.45
C ILE A 541 30.42 8.80 11.22
N PRO A 542 30.13 7.49 11.30
CA PRO A 542 29.66 6.79 10.10
C PRO A 542 28.19 7.10 9.82
N SER A 543 27.88 7.33 8.55
CA SER A 543 26.52 7.57 8.07
C SER A 543 26.07 6.31 7.36
N LEU A 544 25.24 5.51 8.02
CA LEU A 544 24.99 4.13 7.59
C LEU A 544 23.59 3.86 7.00
N PHE A 545 23.56 3.05 5.94
CA PHE A 545 22.32 2.73 5.21
C PHE A 545 21.65 3.98 4.67
N ARG A 546 22.44 4.84 4.02
CA ARG A 546 21.91 6.05 3.41
C ARG A 546 20.79 5.70 2.45
N GLY A 547 19.69 6.45 2.54
CA GLY A 547 18.53 6.23 1.69
C GLY A 547 17.72 5.05 2.18
N PHE A 548 18.16 4.47 3.31
CA PHE A 548 17.65 3.19 3.81
C PHE A 548 17.88 2.11 2.77
N SER A 549 19.15 1.74 2.59
CA SER A 549 19.59 0.98 1.43
C SER A 549 19.30 -0.52 1.53
N ALA A 550 18.79 -0.98 2.67
CA ALA A 550 18.34 -2.38 2.80
C ALA A 550 17.22 -2.45 3.81
N PRO A 551 16.26 -3.34 3.58
CA PRO A 551 15.10 -3.41 4.48
C PRO A 551 15.44 -4.24 5.74
N VAL A 552 16.09 -3.59 6.71
CA VAL A 552 16.65 -4.28 7.86
C VAL A 552 16.46 -3.43 9.09
N TYR A 553 16.55 -4.07 10.26
CA TYR A 553 16.77 -3.37 11.52
C TYR A 553 18.21 -2.90 11.59
N ILE A 554 18.40 -1.60 11.75
CA ILE A 554 19.73 -1.05 11.88
C ILE A 554 20.09 -0.80 13.35
N GLU A 555 21.18 -1.39 13.82
CA GLU A 555 21.66 -1.09 15.16
C GLU A 555 22.99 -0.36 15.07
N ASP A 556 22.96 0.97 15.13
CA ASP A 556 24.11 1.76 14.70
C ASP A 556 25.21 1.83 15.78
N GLN A 557 24.86 1.41 17.00
CA GLN A 557 25.81 1.45 18.13
C GLN A 557 26.49 2.81 18.29
N LEU A 558 25.80 3.87 17.89
CA LEU A 558 26.32 5.22 18.07
C LEU A 558 25.83 5.83 19.39
N THR A 559 26.60 6.76 19.92
CA THR A 559 26.20 7.49 21.12
C THR A 559 25.19 8.54 20.70
N ASP A 560 24.45 9.11 21.64
CA ASP A 560 23.48 10.12 21.24
C ASP A 560 24.20 11.36 20.73
N GLU A 561 25.37 11.64 21.28
CA GLU A 561 26.17 12.77 20.82
C GLU A 561 26.52 12.62 19.33
N GLU A 562 26.96 11.43 18.93
CA GLU A 562 27.22 11.14 17.52
C GLU A 562 25.95 11.23 16.69
N ARG A 563 24.85 10.67 17.20
CA ARG A 563 23.59 10.74 16.48
C ARG A 563 23.14 12.19 16.28
N ILE A 564 23.34 13.02 17.30
CA ILE A 564 22.95 14.41 17.20
C ILE A 564 23.77 15.11 16.12
N LEU A 565 25.05 14.77 16.06
CA LEU A 565 25.93 15.35 15.07
C LEU A 565 25.50 14.95 13.65
N LEU A 566 25.06 13.70 13.48
CA LEU A 566 24.53 13.27 12.20
C LEU A 566 23.25 14.04 11.89
N LEU A 567 22.38 14.14 12.88
CA LEU A 567 21.10 14.82 12.70
C LEU A 567 21.28 16.25 12.22
N LYS A 568 22.28 16.94 12.77
CA LYS A 568 22.55 18.32 12.38
C LYS A 568 23.29 18.41 11.04
N TYR A 569 24.27 17.55 10.81
CA TYR A 569 25.22 17.83 9.74
C TYR A 569 25.34 16.82 8.60
N ASP A 570 24.75 15.63 8.75
CA ASP A 570 24.85 14.61 7.70
C ASP A 570 24.13 15.06 6.43
N SER A 571 24.55 14.51 5.29
CA SER A 571 23.99 14.92 3.99
C SER A 571 22.78 14.07 3.59
N ASP A 572 22.62 12.90 4.19
CA ASP A 572 21.55 11.99 3.82
C ASP A 572 20.30 12.15 4.69
N ALA A 573 19.16 12.44 4.08
CA ALA A 573 17.94 12.70 4.85
C ALA A 573 17.56 11.51 5.73
N PHE A 574 17.58 10.29 5.16
CA PHE A 574 17.21 9.14 5.96
C PHE A 574 18.15 8.93 7.18
N VAL A 575 19.46 9.08 7.02
CA VAL A 575 20.34 8.83 8.17
C VAL A 575 20.10 9.88 9.26
N ARG A 576 19.80 11.11 8.87
CA ARG A 576 19.46 12.15 9.84
C ARG A 576 18.18 11.79 10.60
N TYR A 577 17.17 11.40 9.85
CA TYR A 577 15.88 11.00 10.39
C TYR A 577 16.02 9.72 11.23
N ASN A 578 16.86 8.80 10.78
CA ASN A 578 17.05 7.58 11.55
C ASN A 578 17.82 7.83 12.85
N SER A 579 18.79 8.74 12.77
CA SER A 579 19.56 9.11 13.96
C SER A 579 18.64 9.72 15.01
N CYS A 580 17.75 10.59 14.56
CA CYS A 580 16.67 11.11 15.41
C CYS A 580 15.80 10.00 16.01
N THR A 581 15.30 9.14 15.13
CA THR A 581 14.52 7.99 15.56
C THR A 581 15.25 7.18 16.65
N ASN A 582 16.54 6.92 16.44
CA ASN A 582 17.29 6.08 17.38
C ASN A 582 17.46 6.76 18.75
N ILE A 583 17.60 8.07 18.72
CA ILE A 583 17.67 8.82 19.98
C ILE A 583 16.34 8.72 20.70
N TYR A 584 15.25 8.91 19.97
CA TYR A 584 13.92 8.74 20.54
C TYR A 584 13.74 7.33 21.09
N MET A 585 14.13 6.31 20.33
CA MET A 585 13.93 4.93 20.81
C MET A 585 14.70 4.63 22.10
N LYS A 586 15.91 5.13 22.22
CA LYS A 586 16.68 4.88 23.43
C LYS A 586 15.96 5.49 24.65
N GLN A 587 15.48 6.71 24.46
CA GLN A 587 14.71 7.41 25.47
C GLN A 587 13.40 6.68 25.82
N ILE A 588 12.66 6.26 24.79
CA ILE A 588 11.39 5.57 24.99
C ILE A 588 11.61 4.26 25.78
N LEU A 589 12.60 3.47 25.38
CA LEU A 589 12.86 2.20 26.06
C LEU A 589 13.24 2.44 27.53
N MET A 590 14.06 3.45 27.77
CA MET A 590 14.47 3.77 29.13
CA MET A 590 14.49 3.80 29.12
C MET A 590 13.30 4.22 29.99
N ASN A 591 12.56 5.23 29.53
CA ASN A 591 11.40 5.71 30.28
C ASN A 591 10.32 4.64 30.44
N TYR A 592 10.09 3.85 29.37
CA TYR A 592 9.13 2.75 29.45
C TYR A 592 9.47 1.81 30.60
N ASN A 593 10.73 1.39 30.67
CA ASN A 593 11.14 0.46 31.71
C ASN A 593 11.03 1.09 33.09
N GLU A 594 11.28 2.39 33.20
CA GLU A 594 11.16 3.09 34.47
C GLU A 594 9.69 3.17 34.93
N PHE A 595 8.79 3.53 34.03
CA PHE A 595 7.35 3.50 34.29
C PHE A 595 6.83 2.09 34.59
N LEU A 596 7.42 1.10 33.93
CA LEU A 596 6.99 -0.30 34.11
C LEU A 596 7.36 -0.78 35.51
N LYS A 597 8.61 -0.56 35.92
CA LYS A 597 9.04 -0.94 37.27
C LYS A 597 8.19 -0.26 38.34
N ALA A 598 7.85 1.01 38.12
CA ALA A 598 7.07 1.76 39.09
C ALA A 598 5.70 1.16 39.26
N LYS A 599 5.14 0.70 38.13
CA LYS A 599 3.81 0.09 38.10
C LYS A 599 3.83 -1.30 38.71
N ASN A 600 4.84 -2.09 38.33
CA ASN A 600 4.99 -3.43 38.87
C ASN A 600 5.20 -3.41 40.39
N GLU A 601 6.15 -2.61 40.82
CA GLU A 601 6.54 -2.58 42.22
C GLU A 601 5.67 -1.65 43.06
N LYS A 602 4.62 -1.10 42.44
CA LYS A 602 3.71 -0.19 43.13
C LYS A 602 4.47 0.89 43.90
N LEU A 603 5.42 1.52 43.22
CA LEU A 603 6.25 2.54 43.84
C LEU A 603 5.43 3.77 44.22
N GLU A 604 5.71 4.33 45.38
CA GLU A 604 5.07 5.58 45.81
C GLU A 604 5.77 6.76 45.13
N SER A 605 7.03 6.56 44.82
CA SER A 605 7.82 7.59 44.15
C SER A 605 8.93 6.92 43.36
N PHE A 606 9.39 7.61 42.33
CA PHE A 606 10.44 7.07 41.48
C PHE A 606 10.99 8.20 40.62
N GLN A 607 12.08 7.91 39.90
CA GLN A 607 12.66 8.91 39.02
C GLN A 607 12.48 8.53 37.53
N LEU A 608 12.44 9.54 36.68
CA LEU A 608 12.46 9.33 35.23
C LEU A 608 13.71 9.98 34.66
N THR A 609 14.34 9.30 33.70
CA THR A 609 15.47 9.88 32.97
C THR A 609 14.96 10.98 32.05
N PRO A 610 15.43 12.22 32.24
CA PRO A 610 14.97 13.29 31.35
C PRO A 610 15.44 13.11 29.90
N VAL A 611 14.76 13.76 28.96
CA VAL A 611 15.17 13.76 27.56
C VAL A 611 16.50 14.49 27.48
N ASN A 612 17.43 13.94 26.68
CA ASN A 612 18.74 14.54 26.48
C ASN A 612 18.64 16.01 26.05
N ALA A 613 19.25 16.92 26.82
CA ALA A 613 19.15 18.34 26.59
C ALA A 613 19.81 18.79 25.28
N GLN A 614 20.94 18.18 24.93
CA GLN A 614 21.61 18.53 23.67
C GLN A 614 20.77 18.09 22.47
N PHE A 615 20.00 17.03 22.64
CA PHE A 615 19.05 16.56 21.62
C PHE A 615 17.96 17.61 21.41
N ILE A 616 17.38 18.08 22.51
CA ILE A 616 16.38 19.15 22.43
C ILE A 616 16.98 20.42 21.80
N ASP A 617 18.22 20.76 22.15
CA ASP A 617 18.92 21.90 21.51
C ASP A 617 19.03 21.71 19.99
N ALA A 618 19.31 20.48 19.57
CA ALA A 618 19.51 20.16 18.16
C ALA A 618 18.19 20.29 17.38
N ILE A 619 17.10 19.88 18.00
CA ILE A 619 15.77 20.04 17.40
C ILE A 619 15.44 21.52 17.22
N LYS A 620 15.78 22.32 18.21
CA LYS A 620 15.52 23.76 18.15
C LYS A 620 16.36 24.40 17.05
N TYR A 621 17.64 24.04 17.02
CA TYR A 621 18.55 24.47 15.97
C TYR A 621 17.95 24.23 14.58
N LEU A 622 17.52 22.99 14.33
CA LEU A 622 16.96 22.63 13.03
C LEU A 622 15.63 23.35 12.75
N LEU A 623 14.75 23.40 13.74
CA LEU A 623 13.48 24.09 13.58
C LEU A 623 13.67 25.57 13.23
N GLU A 624 14.67 26.20 13.85
CA GLU A 624 14.89 27.63 13.64
C GLU A 624 15.69 27.96 12.37
N ASP A 625 16.10 26.93 11.64
CA ASP A 625 16.85 27.12 10.41
C ASP A 625 15.88 27.40 9.25
N PRO A 626 15.85 28.65 8.76
CA PRO A 626 14.85 28.98 7.73
C PRO A 626 15.15 28.27 6.41
N HIS A 627 16.37 27.78 6.24
CA HIS A 627 16.73 27.08 5.01
C HIS A 627 16.49 25.58 5.09
N ALA A 628 16.06 25.10 6.26
CA ALA A 628 15.83 23.67 6.42
C ALA A 628 14.42 23.30 5.94
N ASP A 629 14.19 22.02 5.67
CA ASP A 629 12.98 21.56 5.02
C ASP A 629 11.84 21.34 6.01
N ALA A 630 10.68 21.91 5.71
CA ALA A 630 9.52 21.86 6.60
C ALA A 630 9.00 20.44 6.83
N GLY A 631 8.95 19.63 5.77
CA GLY A 631 8.55 18.23 5.91
C GLY A 631 9.45 17.49 6.89
N PHE A 632 10.76 17.66 6.74
CA PHE A 632 11.72 17.01 7.60
C PHE A 632 11.53 17.46 9.05
N LYS A 633 11.32 18.76 9.23
CA LYS A 633 11.02 19.32 10.54
C LYS A 633 9.83 18.63 11.20
N SER A 634 8.80 18.27 10.43
CA SER A 634 7.62 17.67 11.05
C SER A 634 7.94 16.25 11.52
N TYR A 635 8.88 15.59 10.83
CA TYR A 635 9.31 14.26 11.27
C TYR A 635 10.09 14.31 12.58
N ILE A 636 10.92 15.32 12.79
CA ILE A 636 11.81 15.30 13.95
C ILE A 636 11.07 15.63 15.27
N VAL A 637 9.93 16.31 15.20
CA VAL A 637 9.17 16.63 16.42
C VAL A 637 8.11 15.58 16.72
N SER A 638 8.08 14.55 15.90
CA SER A 638 7.15 13.44 16.08
C SER A 638 7.90 12.21 16.61
N LEU A 639 7.39 11.61 17.68
CA LEU A 639 7.97 10.35 18.17
C LEU A 639 7.75 9.26 17.13
N PRO A 640 8.58 8.21 17.15
CA PRO A 640 8.35 7.07 16.25
C PRO A 640 6.96 6.48 16.44
N GLN A 641 6.40 5.96 15.35
CA GLN A 641 5.11 5.27 15.35
C GLN A 641 5.03 4.18 16.40
N ASP A 642 3.85 4.05 17.01
CA ASP A 642 3.59 2.97 17.96
C ASP A 642 3.92 1.60 17.36
N ARG A 643 3.57 1.37 16.11
CA ARG A 643 3.78 0.05 15.50
C ARG A 643 5.25 -0.18 15.16
N TYR A 644 6.04 0.90 15.12
CA TYR A 644 7.50 0.76 15.04
C TYR A 644 8.09 0.45 16.43
N ILE A 645 7.69 1.25 17.42
CA ILE A 645 8.10 1.02 18.80
C ILE A 645 7.87 -0.41 19.26
N ILE A 646 6.72 -0.98 18.92
CA ILE A 646 6.32 -2.27 19.49
C ILE A 646 7.26 -3.43 19.09
N ASN A 647 7.95 -3.27 17.96
CA ASN A 647 8.93 -4.26 17.51
C ASN A 647 10.11 -4.38 18.48
N PHE A 648 10.21 -3.45 19.42
CA PHE A 648 11.36 -3.39 20.31
C PHE A 648 11.01 -3.68 21.76
N VAL A 649 9.75 -3.97 22.04
CA VAL A 649 9.34 -4.21 23.43
C VAL A 649 8.57 -5.52 23.59
N SER A 650 8.96 -6.33 24.57
CA SER A 650 8.27 -7.59 24.85
C SER A 650 7.09 -7.35 25.79
N ASN A 651 5.99 -8.05 25.55
CA ASN A 651 4.81 -7.93 26.42
C ASN A 651 4.44 -6.47 26.62
N LEU A 652 4.29 -5.72 25.53
CA LEU A 652 4.12 -4.28 25.63
C LEU A 652 2.88 -3.91 26.42
N ASP A 653 3.05 -3.15 27.49
CA ASP A 653 1.90 -2.58 28.19
C ASP A 653 1.57 -1.25 27.52
N THR A 654 0.46 -1.20 26.79
CA THR A 654 0.18 -0.04 25.96
C THR A 654 -0.12 1.19 26.80
N ASP A 655 -0.59 0.98 28.02
CA ASP A 655 -0.85 2.10 28.92
CA ASP A 655 -0.84 2.09 28.95
C ASP A 655 0.48 2.72 29.39
N VAL A 656 1.47 1.87 29.64
CA VAL A 656 2.78 2.35 30.06
C VAL A 656 3.50 3.01 28.88
N LEU A 657 3.28 2.51 27.68
CA LEU A 657 3.85 3.17 26.51
C LEU A 657 3.16 4.53 26.35
N ALA A 658 1.84 4.56 26.54
CA ALA A 658 1.13 5.83 26.45
C ALA A 658 1.73 6.84 27.43
N ASP A 659 2.01 6.42 28.67
CA ASP A 659 2.59 7.33 29.66
C ASP A 659 4.00 7.76 29.27
N THR A 660 4.72 6.86 28.63
CA THR A 660 6.09 7.13 28.21
C THR A 660 6.09 8.24 27.16
N LYS A 661 5.27 8.10 26.13
CA LYS A 661 5.17 9.08 25.05
C LYS A 661 4.79 10.45 25.61
N GLU A 662 3.80 10.43 26.48
CA GLU A 662 3.30 11.63 27.15
C GLU A 662 4.43 12.37 27.87
N TYR A 663 5.24 11.64 28.64
CA TYR A 663 6.33 12.25 29.40
C TYR A 663 7.36 12.87 28.47
N ILE A 664 7.67 12.17 27.39
CA ILE A 664 8.70 12.64 26.46
C ILE A 664 8.21 13.85 25.68
N TYR A 665 6.99 13.79 25.17
CA TYR A 665 6.40 14.95 24.50
C TYR A 665 6.33 16.17 25.45
N LYS A 666 6.01 15.93 26.71
CA LYS A 666 5.92 17.02 27.69
C LYS A 666 7.30 17.63 27.96
N GLN A 667 8.30 16.76 28.12
CA GLN A 667 9.69 17.18 28.32
C GLN A 667 10.16 18.12 27.21
N ILE A 668 9.86 17.76 25.98
CA ILE A 668 10.35 18.52 24.84
C ILE A 668 9.56 19.82 24.66
N GLY A 669 8.24 19.72 24.80
CA GLY A 669 7.38 20.88 24.77
C GLY A 669 7.69 21.89 25.88
N ASP A 670 7.97 21.41 27.09
CA ASP A 670 8.31 22.32 28.19
C ASP A 670 9.53 23.18 27.84
N LYS A 671 10.34 22.70 26.89
CA LYS A 671 11.46 23.50 26.41
C LYS A 671 11.17 24.25 25.12
N LEU A 672 10.40 23.67 24.20
CA LEU A 672 10.33 24.24 22.87
C LEU A 672 9.01 24.87 22.43
N ASN A 673 7.98 24.83 23.29
CA ASN A 673 6.65 25.32 22.85
C ASN A 673 6.63 26.74 22.29
N ASP A 674 7.46 27.62 22.86
CA ASP A 674 7.52 29.00 22.37
C ASP A 674 8.10 29.02 20.96
N VAL A 675 9.11 28.19 20.74
CA VAL A 675 9.62 27.98 19.40
C VAL A 675 8.52 27.45 18.49
N TYR A 676 7.77 26.45 18.95
CA TYR A 676 6.67 25.89 18.15
C TYR A 676 5.64 26.94 17.77
N TYR A 677 5.23 27.75 18.76
CA TYR A 677 4.22 28.76 18.52
C TYR A 677 4.72 29.79 17.53
N LYS A 678 5.95 30.25 17.73
CA LYS A 678 6.54 31.25 16.85
C LYS A 678 6.55 30.77 15.39
N MET A 679 6.84 29.50 15.19
CA MET A 679 6.96 28.96 13.84
C MET A 679 5.60 28.75 13.23
N PHE A 680 4.65 28.31 14.05
CA PHE A 680 3.29 28.13 13.60
C PHE A 680 2.75 29.44 13.03
N LYS A 681 3.14 30.57 13.65
CA LYS A 681 2.65 31.87 13.20
C LYS A 681 3.41 32.37 11.98
N SER A 682 4.73 32.22 11.98
CA SER A 682 5.53 32.75 10.87
C SER A 682 5.38 31.91 9.60
N LEU A 683 4.92 30.66 9.75
CA LEU A 683 4.74 29.77 8.60
C LEU A 683 3.42 30.02 7.85
N GLU A 684 2.48 30.68 8.52
CA GLU A 684 1.13 30.86 7.98
C GLU A 684 1.10 31.40 6.56
N ALA A 685 1.81 32.49 6.30
CA ALA A 685 1.69 33.17 5.01
C ALA A 685 2.00 32.24 3.85
N LYS A 686 3.15 31.59 3.89
CA LYS A 686 3.54 30.71 2.79
C LYS A 686 2.77 29.38 2.79
N ALA A 687 2.49 28.86 3.98
CA ALA A 687 1.77 27.58 4.10
C ALA A 687 0.36 27.68 3.50
N ASP A 688 -0.34 28.78 3.80
CA ASP A 688 -1.76 28.92 3.44
C ASP A 688 -1.98 29.87 2.27
N ASP A 689 -0.90 30.26 1.60
CA ASP A 689 -0.96 31.07 0.38
C ASP A 689 -2.03 30.54 -0.57
N LEU A 690 -2.98 31.42 -0.92
CA LEU A 690 -4.12 31.08 -1.78
C LEU A 690 -3.94 31.45 -3.26
N THR A 691 -2.74 31.88 -3.64
CA THR A 691 -2.49 32.35 -5.00
C THR A 691 -2.96 31.38 -6.08
N TYR A 692 -2.75 30.09 -5.86
CA TYR A 692 -3.07 29.09 -6.88
C TYR A 692 -4.19 28.15 -6.46
N PHE A 693 -5.01 28.61 -5.52
CA PHE A 693 -6.07 27.78 -4.98
C PHE A 693 -7.05 27.36 -6.08
N ASN A 694 -7.33 28.27 -7.01
CA ASN A 694 -8.28 27.99 -8.09
C ASN A 694 -7.63 27.48 -9.38
N ASP A 695 -6.33 27.22 -9.33
CA ASP A 695 -5.64 26.53 -10.42
C ASP A 695 -5.63 25.04 -10.09
N GLU A 696 -6.46 24.30 -10.81
CA GLU A 696 -6.72 22.88 -10.52
C GLU A 696 -5.49 22.00 -10.75
N SER A 697 -4.51 22.51 -11.50
CA SER A 697 -3.36 21.71 -11.90
C SER A 697 -2.08 22.10 -11.16
N HIS A 698 -2.13 23.19 -10.39
CA HIS A 698 -0.95 23.66 -9.67
C HIS A 698 -0.82 22.95 -8.32
N VAL A 699 0.12 22.02 -8.22
CA VAL A 699 0.36 21.33 -6.95
C VAL A 699 1.76 21.61 -6.41
N ASP A 700 1.82 22.07 -5.18
CA ASP A 700 3.08 22.44 -4.56
C ASP A 700 3.31 21.61 -3.30
N PHE A 701 4.19 20.62 -3.42
CA PHE A 701 4.41 19.67 -2.36
C PHE A 701 5.20 20.28 -1.20
N ASP A 702 6.02 21.28 -1.48
CA ASP A 702 6.71 21.99 -0.41
CA ASP A 702 6.71 21.99 -0.41
C ASP A 702 5.69 22.76 0.44
N GLN A 703 4.76 23.44 -0.23
CA GLN A 703 3.74 24.20 0.49
C GLN A 703 2.90 23.27 1.36
N MET A 704 2.53 22.10 0.81
CA MET A 704 1.77 21.13 1.60
C MET A 704 2.59 20.61 2.79
N ASN A 705 3.89 20.45 2.62
CA ASN A 705 4.76 20.12 3.77
C ASN A 705 4.77 21.20 4.84
N MET A 706 4.67 22.47 4.44
CA MET A 706 4.59 23.56 5.40
C MET A 706 3.32 23.49 6.21
N ARG A 707 2.22 23.14 5.56
CA ARG A 707 0.95 22.95 6.25
C ARG A 707 1.02 21.75 7.19
N THR A 708 1.67 20.68 6.73
CA THR A 708 1.89 19.51 7.59
C THR A 708 2.64 19.94 8.85
N LEU A 709 3.70 20.71 8.67
CA LEU A 709 4.45 21.20 9.82
C LEU A 709 3.58 22.06 10.76
N ARG A 710 2.84 23.02 10.20
CA ARG A 710 1.96 23.86 11.02
C ARG A 710 0.95 23.01 11.77
N ASN A 711 0.37 22.03 11.09
CA ASN A 711 -0.67 21.21 11.71
C ASN A 711 -0.10 20.25 12.75
N THR A 712 1.16 19.85 12.56
CA THR A 712 1.87 19.07 13.57
C THR A 712 2.16 19.92 14.82
N LEU A 713 2.66 21.13 14.59
CA LEU A 713 2.95 22.06 15.68
C LEU A 713 1.67 22.44 16.41
N LEU A 714 0.58 22.63 15.67
CA LEU A 714 -0.69 23.00 16.29
C LEU A 714 -1.16 21.91 17.23
N SER A 715 -1.00 20.67 16.80
CA SER A 715 -1.33 19.52 17.62
C SER A 715 -0.49 19.48 18.92
N LEU A 716 0.81 19.69 18.80
CA LEU A 716 1.70 19.72 19.96
C LEU A 716 1.33 20.84 20.93
N LEU A 717 0.99 22.00 20.39
CA LEU A 717 0.64 23.15 21.22
C LEU A 717 -0.72 22.96 21.89
N SER A 718 -1.64 22.28 21.21
CA SER A 718 -2.98 22.07 21.74
C SER A 718 -2.97 21.06 22.88
N LYS A 719 -2.32 19.93 22.65
CA LYS A 719 -2.15 18.93 23.69
C LYS A 719 -1.52 19.56 24.93
N ALA A 720 -0.54 20.45 24.73
CA ALA A 720 0.16 21.09 25.84
C ALA A 720 -0.64 22.23 26.48
N GLN A 721 -1.80 22.55 25.91
CA GLN A 721 -2.65 23.58 26.49
C GLN A 721 -1.96 24.93 26.54
N TYR A 722 -1.11 25.19 25.54
CA TYR A 722 -0.41 26.46 25.37
C TYR A 722 -1.37 27.63 25.51
N PRO A 723 -0.97 28.66 26.29
CA PRO A 723 -1.84 29.80 26.59
C PRO A 723 -2.56 30.38 25.38
N ASN A 724 -3.89 30.37 25.43
CA ASN A 724 -4.72 30.98 24.40
C ASN A 724 -4.61 30.31 23.02
N ILE A 725 -4.10 29.09 22.95
CA ILE A 725 -3.97 28.42 21.65
C ILE A 725 -5.34 28.19 21.02
N LEU A 726 -6.39 28.14 21.82
CA LEU A 726 -7.74 27.93 21.32
C LEU A 726 -8.14 29.02 20.32
N ASN A 727 -7.57 30.21 20.50
CA ASN A 727 -7.75 31.29 19.54
C ASN A 727 -7.24 30.92 18.15
N GLU A 728 -6.07 30.29 18.12
CA GLU A 728 -5.46 29.88 16.85
C GLU A 728 -6.24 28.73 16.23
N ILE A 729 -6.78 27.87 17.09
CA ILE A 729 -7.58 26.74 16.63
C ILE A 729 -8.87 27.20 15.94
N ILE A 730 -9.54 28.19 16.54
CA ILE A 730 -10.79 28.72 15.97
C ILE A 730 -10.52 29.42 14.63
N GLU A 731 -9.45 30.19 14.57
CA GLU A 731 -9.03 30.85 13.33
C GLU A 731 -8.64 29.85 12.24
N HIS A 732 -8.03 28.74 12.67
CA HIS A 732 -7.65 27.65 11.77
C HIS A 732 -8.87 27.00 11.09
N SER A 733 -9.95 26.85 11.85
CA SER A 733 -11.17 26.22 11.33
C SER A 733 -11.79 27.01 10.18
N LYS A 734 -11.39 28.27 10.03
CA LYS A 734 -11.94 29.15 8.99
C LYS A 734 -11.11 29.09 7.72
N SER A 735 -10.04 28.30 7.74
CA SER A 735 -9.16 28.16 6.58
C SER A 735 -9.91 27.49 5.43
N PRO A 736 -9.63 27.92 4.20
CA PRO A 736 -10.22 27.27 3.01
C PRO A 736 -9.65 25.85 2.77
N TYR A 737 -8.51 25.53 3.39
CA TYR A 737 -7.89 24.22 3.19
C TYR A 737 -8.41 23.16 4.18
N PRO A 738 -9.02 22.08 3.66
CA PRO A 738 -9.52 20.96 4.46
C PRO A 738 -8.47 20.38 5.40
N SER A 739 -7.20 20.33 4.97
CA SER A 739 -6.14 19.86 5.87
C SER A 739 -6.11 20.71 7.13
N ASN A 740 -6.26 22.02 6.97
CA ASN A 740 -6.30 22.92 8.11
C ASN A 740 -7.59 22.81 8.93
N TRP A 741 -8.75 22.92 8.30
CA TRP A 741 -9.96 22.94 9.11
C TRP A 741 -10.37 21.55 9.61
N LEU A 742 -9.85 20.48 9.01
CA LEU A 742 -10.00 19.17 9.66
C LEU A 742 -9.01 19.05 10.84
N THR A 743 -7.81 19.62 10.69
CA THR A 743 -6.87 19.64 11.82
C THR A 743 -7.48 20.41 12.98
N SER A 744 -8.23 21.47 12.67
CA SER A 744 -8.78 22.31 13.73
C SER A 744 -9.76 21.47 14.55
N LEU A 745 -10.50 20.60 13.88
CA LEU A 745 -11.38 19.64 14.55
C LEU A 745 -10.62 18.74 15.53
N SER A 746 -9.63 17.99 15.05
CA SER A 746 -9.01 17.00 15.92
C SER A 746 -8.21 17.62 17.06
N VAL A 747 -7.58 18.77 16.85
CA VAL A 747 -6.84 19.39 17.96
C VAL A 747 -7.78 20.06 18.96
N SER A 748 -8.97 20.43 18.50
CA SER A 748 -9.98 21.03 19.40
C SER A 748 -10.53 20.00 20.39
N ALA A 749 -10.21 18.73 20.16
CA ALA A 749 -10.60 17.64 21.06
C ALA A 749 -10.26 17.94 22.53
N TYR A 750 -9.16 18.67 22.75
CA TYR A 750 -8.70 18.96 24.10
C TYR A 750 -9.40 20.18 24.70
N PHE A 751 -10.41 20.67 24.01
CA PHE A 751 -11.12 21.86 24.47
C PHE A 751 -12.64 21.64 24.47
N ASP A 752 -13.35 22.52 25.16
CA ASP A 752 -14.80 22.45 25.24
C ASP A 752 -15.47 22.69 23.88
N LYS A 753 -14.74 23.35 22.98
CA LYS A 753 -15.31 23.78 21.70
C LYS A 753 -15.38 22.66 20.65
N TYR A 754 -15.08 21.44 21.08
CA TYR A 754 -14.95 20.32 20.15
C TYR A 754 -16.24 20.05 19.36
N PHE A 755 -17.37 19.91 20.04
CA PHE A 755 -18.60 19.52 19.36
C PHE A 755 -19.10 20.69 18.51
N GLU A 756 -18.73 21.89 18.90
CA GLU A 756 -18.96 23.08 18.07
C GLU A 756 -18.26 22.90 16.72
N LEU A 757 -16.99 22.52 16.75
CA LEU A 757 -16.20 22.35 15.53
C LEU A 757 -16.59 21.06 14.81
N TYR A 758 -16.99 20.08 15.59
CA TYR A 758 -17.60 18.85 15.07
C TYR A 758 -18.78 19.17 14.13
N ASP A 759 -19.72 19.98 14.61
CA ASP A 759 -20.87 20.37 13.80
C ASP A 759 -20.46 21.20 12.59
N LYS A 760 -19.62 22.21 12.82
CA LYS A 760 -19.16 23.07 11.73
C LYS A 760 -18.48 22.28 10.62
N THR A 761 -17.54 21.42 10.99
CA THR A 761 -16.79 20.67 9.98
C THR A 761 -17.67 19.62 9.31
N TYR A 762 -18.62 19.05 10.06
CA TYR A 762 -19.58 18.14 9.44
C TYR A 762 -20.36 18.82 8.33
N LYS A 763 -20.86 20.02 8.61
CA LYS A 763 -21.59 20.79 7.61
C LYS A 763 -20.75 21.01 6.36
N LEU A 764 -19.47 21.31 6.56
CA LEU A 764 -18.54 21.53 5.44
C LEU A 764 -18.31 20.27 4.64
N SER A 765 -18.42 19.11 5.30
CA SER A 765 -18.00 17.86 4.69
C SER A 765 -19.13 17.06 4.04
N LYS A 766 -20.36 17.26 4.52
CA LYS A 766 -21.44 16.31 4.23
C LYS A 766 -21.90 16.22 2.77
N ASP A 767 -21.68 17.27 1.97
CA ASP A 767 -22.17 17.28 0.59
C ASP A 767 -21.15 16.77 -0.41
N ASP A 768 -20.00 16.31 0.06
CA ASP A 768 -19.02 15.66 -0.78
C ASP A 768 -18.69 14.31 -0.18
N GLU A 769 -18.87 13.27 -0.96
CA GLU A 769 -18.73 11.90 -0.48
C GLU A 769 -17.33 11.60 0.05
N LEU A 770 -16.31 12.02 -0.69
CA LEU A 770 -14.93 11.75 -0.25
C LEU A 770 -14.55 12.58 0.97
N LEU A 771 -14.91 13.86 0.93
CA LEU A 771 -14.67 14.79 2.04
C LEU A 771 -15.33 14.32 3.32
N LEU A 772 -16.54 13.78 3.19
CA LEU A 772 -17.25 13.23 4.35
C LEU A 772 -16.45 12.10 4.98
N GLN A 773 -15.82 11.27 4.14
CA GLN A 773 -15.02 10.18 4.66
C GLN A 773 -13.77 10.69 5.40
N GLU A 774 -13.15 11.74 4.89
CA GLU A 774 -12.02 12.35 5.60
C GLU A 774 -12.49 12.86 6.96
N TRP A 775 -13.68 13.44 6.99
CA TRP A 775 -14.26 13.95 8.22
C TRP A 775 -14.48 12.82 9.22
N LEU A 776 -15.03 11.70 8.74
CA LEU A 776 -15.21 10.53 9.58
C LEU A 776 -13.87 10.09 10.20
N LYS A 777 -12.84 10.01 9.35
CA LYS A 777 -11.49 9.69 9.83
C LYS A 777 -11.00 10.64 10.93
N THR A 778 -11.20 11.94 10.71
CA THR A 778 -10.77 12.94 11.68
C THR A 778 -11.43 12.71 13.03
N VAL A 779 -12.74 12.48 13.01
CA VAL A 779 -13.50 12.21 14.22
C VAL A 779 -13.01 10.92 14.85
N SER A 780 -12.98 9.86 14.04
CA SER A 780 -12.49 8.54 14.49
C SER A 780 -11.16 8.59 15.23
N ARG A 781 -10.25 9.43 14.77
CA ARG A 781 -8.93 9.49 15.41
C ARG A 781 -8.84 10.59 16.46
N SER A 782 -9.91 11.35 16.67
CA SER A 782 -9.93 12.41 17.68
C SER A 782 -9.51 11.90 19.06
N ASP A 783 -8.64 12.64 19.73
CA ASP A 783 -8.18 12.23 21.06
C ASP A 783 -9.18 12.65 22.13
N ARG A 784 -10.29 11.91 22.18
CA ARG A 784 -11.38 12.18 23.10
C ARG A 784 -11.53 11.06 24.12
N LYS A 785 -11.77 11.42 25.38
CA LYS A 785 -12.12 10.41 26.38
C LYS A 785 -13.49 9.79 26.10
N ASP A 786 -14.39 10.56 25.48
CA ASP A 786 -15.73 10.04 25.17
C ASP A 786 -15.79 9.46 23.76
N ILE A 787 -14.67 8.91 23.29
CA ILE A 787 -14.56 8.46 21.91
C ILE A 787 -15.48 7.28 21.61
N TYR A 788 -15.80 6.47 22.62
CA TYR A 788 -16.74 5.35 22.39
C TYR A 788 -18.15 5.85 22.16
N GLU A 789 -18.58 6.84 22.95
CA GLU A 789 -19.87 7.48 22.73
C GLU A 789 -19.90 8.14 21.35
N ILE A 790 -18.78 8.75 20.96
CA ILE A 790 -18.69 9.44 19.68
C ILE A 790 -18.79 8.47 18.50
N LEU A 791 -18.14 7.32 18.59
CA LEU A 791 -18.27 6.30 17.55
C LEU A 791 -19.74 5.85 17.40
N LYS A 792 -20.39 5.62 18.53
CA LYS A 792 -21.78 5.20 18.55
C LYS A 792 -22.66 6.23 17.82
N LYS A 793 -22.31 7.50 17.98
CA LYS A 793 -23.02 8.58 17.30
C LYS A 793 -22.82 8.48 15.78
N LEU A 794 -21.57 8.29 15.36
CA LEU A 794 -21.27 8.12 13.93
C LEU A 794 -22.03 6.95 13.32
N GLU A 795 -22.10 5.85 14.04
CA GLU A 795 -22.83 4.68 13.56
C GLU A 795 -24.31 4.99 13.31
N ASN A 796 -24.94 5.62 14.30
CA ASN A 796 -26.38 5.85 14.23
C ASN A 796 -26.75 7.00 13.29
N GLU A 797 -25.88 8.02 13.20
CA GLU A 797 -26.25 9.24 12.49
C GLU A 797 -25.66 9.37 11.08
N VAL A 798 -24.48 8.78 10.86
CA VAL A 798 -23.78 8.98 9.58
C VAL A 798 -23.53 7.69 8.82
N LEU A 799 -22.91 6.72 9.48
CA LEU A 799 -22.52 5.49 8.80
C LEU A 799 -23.71 4.58 8.54
N LYS A 800 -24.48 4.29 9.57
CA LYS A 800 -25.63 3.39 9.47
C LYS A 800 -25.25 2.02 8.90
N ASP A 801 -26.00 1.53 7.91
CA ASP A 801 -25.72 0.21 7.35
C ASP A 801 -25.04 0.31 5.99
N SER A 802 -24.25 1.37 5.79
CA SER A 802 -23.41 1.52 4.61
C SER A 802 -22.53 0.27 4.42
N LYS A 803 -22.45 -0.18 3.17
CA LYS A 803 -21.56 -1.28 2.80
C LYS A 803 -20.37 -0.74 1.98
N ASN A 804 -20.28 0.59 1.87
CA ASN A 804 -19.14 1.23 1.25
C ASN A 804 -17.89 1.08 2.13
N PRO A 805 -16.93 0.28 1.65
CA PRO A 805 -15.67 0.02 2.36
C PRO A 805 -14.99 1.30 2.84
N ASN A 806 -15.03 2.34 2.02
CA ASN A 806 -14.48 3.65 2.41
C ASN A 806 -15.15 4.20 3.67
N ASP A 807 -16.47 4.08 3.75
CA ASP A 807 -17.19 4.57 4.90
C ASP A 807 -16.76 3.78 6.15
N ILE A 808 -16.79 2.46 6.04
CA ILE A 808 -16.53 1.57 7.18
C ILE A 808 -15.10 1.70 7.69
N ARG A 809 -14.13 1.67 6.77
CA ARG A 809 -12.73 1.85 7.15
C ARG A 809 -12.50 3.23 7.76
N ALA A 810 -13.23 4.22 7.25
CA ALA A 810 -13.07 5.60 7.74
C ALA A 810 -13.52 5.74 9.19
N VAL A 811 -14.63 5.09 9.55
CA VAL A 811 -15.13 5.19 10.91
C VAL A 811 -14.23 4.45 11.90
N TYR A 812 -13.72 3.28 11.54
CA TYR A 812 -13.11 2.41 12.55
C TYR A 812 -11.59 2.32 12.59
N LEU A 813 -10.90 2.33 11.44
CA LEU A 813 -9.46 2.09 11.46
C LEU A 813 -8.68 3.16 12.25
N PRO A 814 -8.96 4.45 12.03
CA PRO A 814 -8.13 5.40 12.79
C PRO A 814 -8.31 5.26 14.30
N PHE A 815 -9.53 5.02 14.75
CA PHE A 815 -9.79 4.74 16.17
C PHE A 815 -8.89 3.64 16.72
N THR A 816 -8.62 2.62 15.91
CA THR A 816 -7.82 1.47 16.39
C THR A 816 -6.37 1.87 16.66
N ASN A 817 -5.96 3.04 16.17
CA ASN A 817 -4.61 3.53 16.44
C ASN A 817 -4.59 4.41 17.70
N ASN A 818 -5.73 4.54 18.35
CA ASN A 818 -5.82 5.28 19.61
C ASN A 818 -5.22 4.41 20.71
N LEU A 819 -3.93 4.60 21.02
CA LEU A 819 -3.20 3.71 21.93
C LEU A 819 -3.90 3.49 23.26
N ARG A 820 -4.26 4.58 23.91
CA ARG A 820 -4.84 4.49 25.24
C ARG A 820 -6.28 3.95 25.24
N ARG A 821 -7.03 4.25 24.19
CA ARG A 821 -8.47 3.96 24.17
C ARG A 821 -8.81 2.64 23.49
N PHE A 822 -8.31 2.42 22.27
CA PHE A 822 -8.60 1.17 21.56
C PHE A 822 -8.16 0.00 22.40
N HIS A 823 -7.02 0.17 23.08
CA HIS A 823 -6.47 -0.87 23.94
C HIS A 823 -6.96 -0.76 25.38
N ASP A 824 -8.16 -0.18 25.56
CA ASP A 824 -8.79 -0.13 26.88
C ASP A 824 -8.83 -1.49 27.53
N ILE A 825 -8.39 -1.57 28.78
CA ILE A 825 -8.12 -2.85 29.43
C ILE A 825 -9.35 -3.75 29.59
N SER A 826 -10.54 -3.17 29.47
CA SER A 826 -11.79 -3.94 29.51
C SER A 826 -11.95 -4.86 28.31
N GLY A 827 -11.20 -4.60 27.24
CA GLY A 827 -11.41 -5.31 25.98
C GLY A 827 -12.49 -4.71 25.09
N LYS A 828 -13.09 -3.60 25.53
CA LYS A 828 -14.23 -3.01 24.81
C LYS A 828 -13.91 -2.62 23.37
N GLY A 829 -12.67 -2.15 23.14
CA GLY A 829 -12.21 -1.79 21.81
C GLY A 829 -12.03 -3.01 20.91
N TYR A 830 -11.48 -4.07 21.47
CA TYR A 830 -11.31 -5.31 20.71
C TYR A 830 -12.69 -5.89 20.36
N LYS A 831 -13.57 -5.91 21.35
CA LYS A 831 -14.94 -6.38 21.14
C LYS A 831 -15.65 -5.61 20.02
N LEU A 832 -15.56 -4.29 20.07
CA LEU A 832 -16.18 -3.43 19.08
C LEU A 832 -15.72 -3.75 17.65
N ILE A 833 -14.40 -3.81 17.44
CA ILE A 833 -13.85 -4.07 16.11
C ILE A 833 -14.17 -5.49 15.62
N ALA A 834 -14.15 -6.47 16.53
CA ALA A 834 -14.52 -7.84 16.17
C ALA A 834 -15.97 -7.91 15.71
N GLU A 835 -16.84 -7.15 16.39
CA GLU A 835 -18.24 -7.03 15.95
C GLU A 835 -18.30 -6.46 14.54
N VAL A 836 -17.50 -5.44 14.26
CA VAL A 836 -17.53 -4.83 12.94
C VAL A 836 -16.99 -5.79 11.88
N ILE A 837 -15.96 -6.55 12.25
CA ILE A 837 -15.34 -7.50 11.32
C ILE A 837 -16.33 -8.58 10.91
N THR A 838 -17.03 -9.11 11.91
CA THR A 838 -17.99 -10.18 11.71
C THR A 838 -19.18 -9.68 10.89
N LYS A 839 -19.61 -8.45 11.16
CA LYS A 839 -20.74 -7.88 10.43
C LYS A 839 -20.34 -7.65 8.97
N THR A 840 -19.13 -7.15 8.76
CA THR A 840 -18.60 -6.87 7.43
C THR A 840 -18.40 -8.15 6.63
N ASP A 841 -17.90 -9.17 7.30
CA ASP A 841 -17.55 -10.43 6.66
C ASP A 841 -18.75 -11.10 5.96
N LYS A 842 -19.96 -10.77 6.38
CA LYS A 842 -21.17 -11.31 5.74
C LYS A 842 -21.36 -10.85 4.29
N PHE A 843 -20.76 -9.72 3.91
CA PHE A 843 -20.95 -9.24 2.54
C PHE A 843 -19.65 -8.89 1.82
N ASN A 844 -18.58 -8.70 2.59
CA ASN A 844 -17.29 -8.35 2.00
C ASN A 844 -16.09 -8.88 2.80
N PRO A 845 -15.73 -10.16 2.57
CA PRO A 845 -14.67 -10.82 3.34
C PRO A 845 -13.31 -10.15 3.18
N MET A 846 -13.03 -9.58 2.01
CA MET A 846 -11.75 -8.91 1.81
C MET A 846 -11.61 -7.73 2.75
N VAL A 847 -12.65 -6.90 2.84
CA VAL A 847 -12.61 -5.76 3.74
C VAL A 847 -12.67 -6.21 5.20
N ALA A 848 -13.38 -7.31 5.47
CA ALA A 848 -13.40 -7.88 6.83
C ALA A 848 -11.99 -8.22 7.28
N THR A 849 -11.21 -8.76 6.36
CA THR A 849 -9.82 -9.13 6.64
C THR A 849 -8.97 -7.87 6.86
N GLN A 850 -9.25 -6.82 6.09
CA GLN A 850 -8.56 -5.54 6.27
C GLN A 850 -8.79 -4.98 7.69
N LEU A 851 -9.99 -5.19 8.20
CA LEU A 851 -10.36 -4.63 9.51
C LEU A 851 -9.77 -5.43 10.66
N CYS A 852 -9.15 -6.56 10.34
CA CYS A 852 -8.43 -7.35 11.35
C CYS A 852 -7.07 -6.77 11.74
N GLU A 853 -6.61 -5.79 10.96
CA GLU A 853 -5.23 -5.30 11.08
C GLU A 853 -4.74 -5.00 12.50
N PRO A 854 -5.59 -4.41 13.36
CA PRO A 854 -5.12 -4.12 14.72
C PRO A 854 -4.75 -5.36 15.53
N PHE A 855 -5.31 -6.51 15.16
CA PHE A 855 -5.05 -7.76 15.86
C PHE A 855 -3.67 -8.36 15.50
N LYS A 856 -3.03 -7.84 14.47
CA LYS A 856 -1.81 -8.46 13.96
C LYS A 856 -0.67 -8.42 14.98
N LEU A 857 -0.78 -7.56 15.99
CA LEU A 857 0.27 -7.46 17.00
C LEU A 857 -0.14 -8.11 18.33
N TRP A 858 -1.19 -8.93 18.28
CA TRP A 858 -1.79 -9.45 19.52
C TRP A 858 -0.80 -10.14 20.45
N ASN A 859 0.12 -10.92 19.92
CA ASN A 859 1.06 -11.66 20.77
C ASN A 859 2.30 -10.84 21.18
N LYS A 860 2.29 -9.55 20.88
CA LYS A 860 3.37 -8.64 21.30
C LYS A 860 3.00 -7.85 22.55
N LEU A 861 1.74 -7.92 22.94
CA LEU A 861 1.22 -7.09 24.03
C LEU A 861 1.39 -7.76 25.39
N ASP A 862 1.06 -7.04 26.46
CA ASP A 862 1.07 -7.61 27.81
C ASP A 862 0.07 -8.75 27.94
N THR A 863 0.27 -9.59 28.95
CA THR A 863 -0.48 -10.84 29.09
C THR A 863 -1.99 -10.69 29.06
N LYS A 864 -2.53 -9.67 29.73
CA LYS A 864 -3.99 -9.49 29.78
C LYS A 864 -4.55 -9.11 28.41
N ARG A 865 -3.86 -8.21 27.72
CA ARG A 865 -4.35 -7.74 26.43
C ARG A 865 -4.21 -8.82 25.36
N GLN A 866 -3.17 -9.66 25.47
CA GLN A 866 -3.08 -10.83 24.61
C GLN A 866 -4.34 -11.70 24.74
N GLU A 867 -4.69 -11.99 25.99
CA GLU A 867 -5.85 -12.84 26.28
C GLU A 867 -7.14 -12.24 25.72
N LEU A 868 -7.29 -10.93 25.88
CA LEU A 868 -8.49 -10.24 25.42
C LEU A 868 -8.61 -10.32 23.90
N MET A 869 -7.53 -9.99 23.20
CA MET A 869 -7.51 -10.05 21.75
C MET A 869 -7.77 -11.48 21.27
N LEU A 870 -7.11 -12.44 21.90
CA LEU A 870 -7.22 -13.84 21.49
C LEU A 870 -8.66 -14.35 21.67
N ASN A 871 -9.29 -14.00 22.79
CA ASN A 871 -10.68 -14.35 23.01
CA ASN A 871 -10.67 -14.38 23.01
C ASN A 871 -11.57 -13.83 21.90
N GLU A 872 -11.34 -12.58 21.48
CA GLU A 872 -12.18 -11.97 20.44
C GLU A 872 -11.96 -12.63 19.08
N MET A 873 -10.73 -13.02 18.79
CA MET A 873 -10.46 -13.71 17.52
C MET A 873 -11.06 -15.10 17.52
N ASN A 874 -10.98 -15.78 18.67
CA ASN A 874 -11.59 -17.10 18.80
C ASN A 874 -13.10 -17.03 18.64
N THR A 875 -13.70 -15.97 19.15
CA THR A 875 -15.12 -15.73 18.96
C THR A 875 -15.44 -15.57 17.46
N MET A 876 -14.72 -14.70 16.78
CA MET A 876 -14.89 -14.53 15.33
C MET A 876 -14.75 -15.85 14.59
N LEU A 877 -13.75 -16.64 14.98
CA LEU A 877 -13.50 -17.94 14.38
C LEU A 877 -14.67 -18.90 14.58
N GLN A 878 -15.41 -18.70 15.66
CA GLN A 878 -16.53 -19.59 16.00
C GLN A 878 -17.80 -19.30 15.19
N GLU A 879 -17.83 -18.16 14.50
CA GLU A 879 -19.01 -17.77 13.74
C GLU A 879 -19.30 -18.78 12.63
N PRO A 880 -20.52 -19.37 12.66
CA PRO A 880 -20.88 -20.42 11.71
C PRO A 880 -20.79 -19.96 10.27
N GLN A 881 -21.08 -18.68 10.02
CA GLN A 881 -21.14 -18.19 8.66
C GLN A 881 -19.84 -17.47 8.22
N ILE A 882 -18.76 -17.68 8.96
CA ILE A 882 -17.47 -17.04 8.61
C ILE A 882 -17.02 -17.41 7.20
N SER A 883 -16.49 -16.44 6.46
CA SER A 883 -16.01 -16.70 5.11
C SER A 883 -14.72 -17.53 5.16
N ASN A 884 -14.37 -18.14 4.04
CA ASN A 884 -13.11 -18.84 3.94
C ASN A 884 -11.95 -17.89 4.08
N ASN A 885 -12.13 -16.69 3.55
CA ASN A 885 -11.14 -15.62 3.62
C ASN A 885 -10.77 -15.27 5.07
N LEU A 886 -11.75 -14.85 5.84
CA LEU A 886 -11.52 -14.45 7.23
C LEU A 886 -10.96 -15.62 8.04
N LYS A 887 -11.55 -16.79 7.87
CA LYS A 887 -11.16 -17.96 8.66
C LYS A 887 -9.68 -18.30 8.51
N GLU A 888 -9.23 -18.39 7.26
CA GLU A 888 -7.85 -18.73 6.95
C GLU A 888 -6.90 -17.72 7.59
N TYR A 889 -7.26 -16.45 7.46
CA TYR A 889 -6.44 -15.37 7.99
C TYR A 889 -6.32 -15.43 9.51
N LEU A 890 -7.46 -15.58 10.20
CA LEU A 890 -7.45 -15.63 11.67
C LEU A 890 -6.81 -16.92 12.18
N LEU A 891 -6.93 -17.98 11.40
CA LEU A 891 -6.30 -19.25 11.74
C LEU A 891 -4.78 -19.13 11.70
N ARG A 892 -4.27 -18.46 10.68
CA ARG A 892 -2.83 -18.22 10.57
C ARG A 892 -2.33 -17.27 11.65
N LEU A 893 -3.11 -16.22 11.91
CA LEU A 893 -2.73 -15.19 12.88
C LEU A 893 -2.69 -15.71 14.30
N THR A 894 -3.61 -16.59 14.65
CA THR A 894 -3.67 -17.12 16.00
C THR A 894 -2.88 -18.43 16.10
N ASN A 895 -2.10 -18.72 15.08
CA ASN A 895 -1.23 -19.90 15.07
C ASN A 895 -1.98 -21.20 15.33
N LYS A 896 -3.19 -21.30 14.79
CA LYS A 896 -4.03 -22.48 14.96
C LYS A 896 -4.31 -23.15 13.62
ZN ZN B . -0.09 -3.21 -8.89
S DMS C . -4.45 -8.34 3.67
O DMS C . -3.09 -8.13 4.25
C1 DMS C . -4.88 -10.11 3.74
C2 DMS C . -5.71 -7.68 4.80
S DMS D . -22.17 5.94 -0.02
O DMS D . -22.14 4.56 0.54
C1 DMS D . -20.88 6.97 0.77
C2 DMS D . -21.59 5.91 -1.74
H11 DMS D . -20.85 7.91 0.30
H12 DMS D . -19.94 6.49 0.65
H13 DMS D . -21.10 7.09 1.79
H21 DMS D . -21.53 6.90 -2.11
H22 DMS D . -22.27 5.36 -2.33
H23 DMS D . -20.64 5.45 -1.79
C1 GOL E . -26.91 -16.23 -9.00
O1 GOL E . -26.06 -15.95 -10.08
C2 GOL E . -26.07 -16.37 -7.73
O2 GOL E . -24.89 -15.62 -7.86
C3 GOL E . -25.76 -17.84 -7.49
O3 GOL E . -25.03 -17.98 -6.29
C1 GOL F . 7.41 19.75 -6.58
O1 GOL F . 6.48 19.31 -7.54
C2 GOL F . 6.86 20.93 -5.80
O2 GOL F . 5.45 20.86 -5.79
C3 GOL F . 7.37 20.93 -4.36
O3 GOL F . 8.60 20.22 -4.26
C1 GOL G . 14.81 -5.49 17.12
O1 GOL G . 16.00 -5.69 17.85
C2 GOL G . 13.67 -6.23 17.80
O2 GOL G . 13.29 -7.32 16.99
C3 GOL G . 14.14 -6.73 19.16
O3 GOL G . 14.73 -5.67 19.90
C1 GOL H . 2.57 14.68 16.66
O1 GOL H . 1.33 15.27 16.96
C2 GOL H . 2.40 13.64 15.57
O2 GOL H . 3.21 13.93 14.45
C3 GOL H . 2.77 12.26 16.11
O3 GOL H . 2.98 11.36 15.03
C1 GOL I . 4.99 11.46 10.70
O1 GOL I . 5.49 11.54 12.02
C2 GOL I . 4.65 12.86 10.20
O2 GOL I . 5.40 13.82 10.92
C3 GOL I . 5.00 12.98 8.73
O3 GOL I . 4.81 14.30 8.31
C1 GOL J . -8.18 1.10 0.75
O1 GOL J . -7.06 0.78 1.56
C2 GOL J . -8.10 2.58 0.37
O2 GOL J . -9.31 3.26 0.67
C3 GOL J . -7.82 2.69 -1.12
O3 GOL J . -7.45 4.02 -1.38
C1 GOL K . 13.12 20.98 -0.72
O1 GOL K . 12.09 20.42 -1.50
C2 GOL K . 12.94 22.49 -0.59
O2 GOL K . 11.97 22.95 -1.50
C3 GOL K . 12.54 22.86 0.83
O3 GOL K . 13.67 22.81 1.67
C1 GOL L . 11.01 9.82 14.96
O1 GOL L . 11.65 11.06 14.72
C2 GOL L . 10.50 9.22 13.64
O2 GOL L . 10.65 7.82 13.66
C3 GOL L . 9.03 9.55 13.41
O3 GOL L . 8.89 10.88 12.96
CAA R5T M . -0.02 0.31 -4.37
CAX R5T M . -1.53 0.52 -4.63
CAB R5T M . -1.69 1.42 -5.86
CAC R5T M . -2.14 1.21 -3.39
OAQ R5T M . -2.15 -0.77 -4.87
CAR R5T M . -3.49 -0.80 -5.18
OAD R5T M . -4.21 0.19 -5.04
N R5T M . -4.04 -1.93 -5.65
CA R5T M . -3.22 -3.15 -5.84
C R5T M . -2.57 -3.17 -7.24
O R5T M . -1.52 -3.77 -7.42
NAO R5T M . -3.17 -2.47 -8.19
OAF R5T M . -2.48 -2.52 -9.62
CAT R5T M . -3.99 -4.28 -5.60
CAJ R5T M . -4.13 -4.73 -4.29
CAL R5T M . -4.89 -5.86 -4.02
CAI R5T M . -4.61 -4.98 -6.65
CAK R5T M . -5.37 -6.12 -6.37
CAU R5T M . -5.51 -6.56 -5.06
NAW R5T M . -6.23 -7.64 -4.78
NAN R5T M . -6.82 -8.32 -5.58
CAH R5T M . -7.42 -9.34 -4.95
CAG R5T M . -7.13 -9.23 -3.67
CAM R5T M . -6.37 -8.16 -3.56
#